data_8GCR
#
_entry.id   8GCR
#
_cell.length_a   1.00
_cell.length_b   1.00
_cell.length_c   1.00
_cell.angle_alpha   90.00
_cell.angle_beta   90.00
_cell.angle_gamma   90.00
#
_symmetry.space_group_name_H-M   'P 1'
#
loop_
_entity.id
_entity.type
_entity.pdbx_description
1 polymer 'Maltose/maltodextrin-binding periplasmic protein,Protein E6'
2 polymer 'Cellular tumor antigen p53'
3 polymer 'Ubiquitin-protein ligase E3A'
4 non-polymer 'ZINC ION'
#
loop_
_entity_poly.entity_id
_entity_poly.type
_entity_poly.pdbx_seq_one_letter_code
_entity_poly.pdbx_strand_id
1 'polypeptide(L)'
;MKIEEGKLVIWINGDKGYNGLAEVGKKFEKDTGIKVTVEHPDKLEEKFPQVAATGDGPDIIFWAHDRFGGYAQSGLLAEI
TPDKAFQDKLYPFTWDAVRYNGKLIAYPIAVEALSLIYNKDLLPNPPKTWEEIPALDKELKAKGKSALMFNLQEPYFTWP
LIAADGGYAFKYENGKYDIKDVGVDNAGAKAGLTFLVDLIKNKHMNADTDYSIAEAAFNKGETAMTINGPWAWSNIDTSK
VNYGVTVLPTFKGQPSKPFVGVLSAGINAASPNKELAKEFLENYLLTDEGLEAVNKDKPLGAVALKSYEEELAKDPRIAA
TMENAQKGEIMPNIPQMSAFWYAVRTAVINAASGRQTVDEALKDAQTRITKGGGGSENLYFQGMHQKRTAMFQDPQERPR
KLPQLCTELQTTIHDIILECVYCKQQLLRREVYDFAFRDLCIVYRDGNPYAVCDKCLKFYSKISEYRHYSYSLYGTTLEQ
QYNKPLSDLLIRCINCQKPLSPEEKQRHLDKKQRFHNIRGRWTGRCMSCSRSSRTRRETQL
;
A
2 'polypeptide(L)'
;GSSSVPSQKTYQGSYGFRLGFLHSGTAKSVTCTYSPALNKMFCQLAKTCPVQLWVDSTPPPGTRVRAMAIYKQSQHMTEV
VRRCPHHERCSDSDGLAPPQHLIRVEGNLRVEYLDDRNTFRHSVVVPYEPPEVGSDCTTIHYNYMCNSSCMGGMNRRPIL
TIITLEDSSGNLLGRNSFEVRVCACPGRDRRTEEENLRKKGEPHHELPPGSTKRALPNNT
;
B
3 'polypeptide(L)'
;MEKLHQCYWKSGEPQSDDIEASRMKRAAAKHLIERYYHQLTEGCGNEACTNEFCASCPTFLRMDNNAAAIKALELYKINA
KLCDPHPSKKGASSAYLENSKGAPNNSCSEIKMNKKGARIDFKDVTYLTEEKVYEILELCREREDYSPLIRVIGRVFSSA
EALVQSFRKVKQHTKEELKSLQAKDEDKDEDEKEKAACSAAAMEEDSEASSSRIGDSSQGDNNLQKLGPDDVSVDIDAIR
RVYTRLLSNEKIETAFLNALVYLSPNVECDLTYHNVYSRDPNYLNLFIIVMENRNLHSPEYLEMALPLFCKAMSKLPLAA
QGKLIRLWSKYNADQIRRMMETFQQLITYKVISNEFNSRNLVNDDDAIVAASKCLKMVYYANVVGGEVDTNHNEEDDEEP
IPESSELTLQELLGEERRNKKGPRVDPLETELGVKTLDCRKPLIPFEEFINEPLNEVLEMDKDYTFFKVETENKFSFMTC
PFILNAVTKNLGLYYDNRIRMYSERRITVLYSLVQGQQLNPYLRLKVRRDHIIDDALVRLEMIAMENPADLKKQLYVEFE
GEQGVDEGGVSKEFFQLVVEEIFNPDIGMFTYDESTKLFWFNPSSFETEGQFTLIGIVLGLAIYNNCILDVHFPMVVYRK
LMGKKGTFRDLGDSHPVLYQSLKDLLEYEGNVEDDMMITFQISQTDLFGNPMMYDLKENGDKIPITNENRKEFVNLYSDY
ILNKSVEKQFKAFRRGFHMVTNESPLKYLFRPEEIELLICGSRNLDFQALEETTEYDGGYTRDSVLIREFWEIVHSFTDE
QKRLFLQFTTGTDRAPVGGLGKLKMIIAKNGPDTERLPTSHTCFNVLLLPEYSSKEKLKERLLKAITYAKGFGMLENLYF
QGHHHHHHGLNDIFEAQKIEWHE
;
R
#
# COMPACT_ATOMS: atom_id res chain seq x y z
N MET A 391 29.04 18.17 18.65
CA MET A 391 30.18 17.36 18.25
C MET A 391 29.97 16.74 16.87
N PHE A 392 28.89 15.99 16.68
CA PHE A 392 28.52 15.46 15.37
C PHE A 392 27.45 16.33 14.72
N GLN A 393 27.82 17.58 14.45
CA GLN A 393 26.93 18.51 13.79
C GLN A 393 26.99 18.39 12.27
N ASP A 394 27.84 17.53 11.75
CA ASP A 394 27.89 17.31 10.31
C ASP A 394 26.67 16.50 9.88
N PRO A 395 26.01 16.86 8.78
CA PRO A 395 24.77 16.17 8.42
C PRO A 395 25.00 14.77 7.86
N GLN A 396 26.04 14.59 7.06
CA GLN A 396 26.30 13.34 6.34
C GLN A 396 27.65 12.76 6.72
N GLU A 397 27.96 12.79 8.01
CA GLU A 397 29.23 12.26 8.52
C GLU A 397 29.07 11.49 9.81
N ARG A 398 27.84 11.33 10.33
CA ARG A 398 27.76 10.94 11.73
C ARG A 398 27.36 9.48 11.89
N PRO A 399 27.88 8.82 12.92
CA PRO A 399 27.61 7.39 13.11
C PRO A 399 26.17 7.13 13.52
N ARG A 400 25.49 6.28 12.75
CA ARG A 400 24.06 6.10 12.91
C ARG A 400 23.72 5.28 14.14
N LYS A 401 24.51 4.25 14.44
CA LYS A 401 24.17 3.32 15.50
C LYS A 401 25.21 3.38 16.63
N LEU A 402 24.94 2.61 17.69
CA LEU A 402 25.76 2.70 18.89
C LEU A 402 27.20 2.24 18.69
N PRO A 403 27.49 1.07 18.10
CA PRO A 403 28.91 0.69 17.96
C PRO A 403 29.72 1.60 17.06
N GLN A 404 29.14 2.13 15.98
CA GLN A 404 29.83 3.13 15.19
C GLN A 404 30.09 4.39 15.98
N LEU A 405 29.11 4.81 16.79
CA LEU A 405 29.31 5.96 17.67
C LEU A 405 30.45 5.70 18.65
N CYS A 406 30.54 4.48 19.17
CA CYS A 406 31.61 4.14 20.10
C CYS A 406 32.98 4.18 19.42
N THR A 407 33.08 3.66 18.20
CA THR A 407 34.39 3.62 17.57
C THR A 407 34.83 4.99 17.03
N GLU A 408 33.89 5.86 16.61
CA GLU A 408 34.29 7.21 16.24
C GLU A 408 34.43 8.17 17.42
N LEU A 409 34.01 7.79 18.62
CA LEU A 409 34.22 8.62 19.79
C LEU A 409 35.40 8.15 20.64
N GLN A 410 36.21 7.23 20.11
CA GLN A 410 37.39 6.68 20.79
C GLN A 410 37.04 6.04 22.12
N THR A 411 35.84 5.47 22.21
CA THR A 411 35.39 4.81 23.43
C THR A 411 34.86 3.43 23.10
N THR A 412 34.27 2.75 24.09
CA THR A 412 33.64 1.46 23.89
C THR A 412 32.20 1.54 24.37
N ILE A 413 31.47 0.43 24.15
CA ILE A 413 30.08 0.36 24.59
C ILE A 413 29.99 0.26 26.11
N HIS A 414 31.10 0.00 26.79
CA HIS A 414 31.13 -0.13 28.24
C HIS A 414 31.54 1.17 28.92
N ASP A 415 32.08 2.13 28.18
CA ASP A 415 32.65 3.37 28.72
C ASP A 415 32.02 4.57 28.03
N ILE A 416 30.70 4.58 27.91
CA ILE A 416 29.99 5.68 27.29
C ILE A 416 28.85 6.12 28.20
N ILE A 417 28.58 7.42 28.21
CA ILE A 417 27.39 7.99 28.83
C ILE A 417 26.54 8.63 27.75
N LEU A 418 25.27 8.26 27.71
CA LEU A 418 24.37 8.68 26.64
C LEU A 418 23.12 9.31 27.23
N GLU A 419 22.53 10.23 26.49
CA GLU A 419 21.36 10.98 26.91
C GLU A 419 20.15 10.48 26.14
N CYS A 420 19.06 10.21 26.85
CA CYS A 420 17.81 9.86 26.18
C CYS A 420 17.31 11.06 25.39
N VAL A 421 16.78 10.81 24.19
CA VAL A 421 16.39 11.93 23.35
C VAL A 421 15.05 12.51 23.79
N TYR A 422 14.28 11.77 24.58
CA TYR A 422 12.96 12.23 25.00
C TYR A 422 13.02 12.94 26.35
N CYS A 423 13.49 12.25 27.39
CA CYS A 423 13.51 12.79 28.74
C CYS A 423 14.86 13.37 29.14
N LYS A 424 15.85 13.35 28.24
CA LYS A 424 17.16 13.97 28.44
C LYS A 424 17.87 13.47 29.69
N GLN A 425 17.66 12.22 30.05
CA GLN A 425 18.31 11.61 31.19
C GLN A 425 19.37 10.62 30.73
N GLN A 426 20.29 10.30 31.64
CA GLN A 426 21.35 9.35 31.34
C GLN A 426 20.80 7.93 31.34
N LEU A 427 21.49 7.05 30.61
CA LEU A 427 21.08 5.67 30.45
C LEU A 427 22.02 4.75 31.21
N LEU A 428 21.46 3.77 31.90
CA LEU A 428 22.23 2.83 32.69
C LEU A 428 22.91 1.82 31.76
N ARG A 429 23.71 0.92 32.35
CA ARG A 429 24.44 -0.07 31.56
C ARG A 429 23.49 -0.96 30.78
N ARG A 430 22.46 -1.48 31.44
CA ARG A 430 21.53 -2.37 30.76
C ARG A 430 20.77 -1.64 29.67
N GLU A 431 20.60 -0.32 29.78
CA GLU A 431 19.85 0.41 28.78
C GLU A 431 20.66 0.62 27.51
N VAL A 432 21.95 0.92 27.63
CA VAL A 432 22.76 1.00 26.41
C VAL A 432 23.00 -0.38 25.81
N TYR A 433 23.07 -1.42 26.64
CA TYR A 433 23.16 -2.77 26.11
C TYR A 433 21.90 -3.13 25.33
N ASP A 434 20.72 -2.79 25.87
CA ASP A 434 19.46 -3.07 25.18
C ASP A 434 19.31 -2.22 23.93
N PHE A 435 19.78 -0.97 23.98
CA PHE A 435 19.77 -0.11 22.80
C PHE A 435 20.68 -0.66 21.72
N ALA A 436 21.76 -1.33 22.10
CA ALA A 436 22.60 -2.00 21.10
C ALA A 436 21.90 -3.22 20.53
N PHE A 437 21.31 -4.05 21.39
CA PHE A 437 20.68 -5.30 20.94
C PHE A 437 19.46 -5.04 20.08
N ARG A 438 18.76 -3.94 20.32
CA ARG A 438 17.50 -3.68 19.61
C ARG A 438 17.71 -3.05 18.24
N ASP A 439 18.95 -2.72 17.88
CA ASP A 439 19.29 -2.11 16.59
C ASP A 439 18.48 -0.83 16.36
N LEU A 440 18.72 0.12 17.23
CA LEU A 440 18.09 1.43 17.17
C LEU A 440 19.13 2.48 16.79
N CYS A 441 18.73 3.43 15.97
CA CYS A 441 19.66 4.45 15.52
C CYS A 441 19.88 5.51 16.59
N ILE A 442 21.07 6.11 16.58
CA ILE A 442 21.40 7.22 17.46
C ILE A 442 20.80 8.48 16.87
N VAL A 443 20.04 9.23 17.68
CA VAL A 443 19.33 10.41 17.21
C VAL A 443 20.14 11.64 17.56
N TYR A 444 20.39 12.50 16.57
CA TYR A 444 21.28 13.63 16.74
C TYR A 444 20.47 14.91 16.83
N ARG A 445 20.64 15.64 17.92
CA ARG A 445 19.98 16.92 18.14
C ARG A 445 21.04 17.97 18.44
N ASP A 446 21.08 19.02 17.61
CA ASP A 446 22.06 20.10 17.71
C ASP A 446 23.49 19.57 17.65
N GLY A 447 23.70 18.49 16.91
CA GLY A 447 25.01 17.88 16.82
C GLY A 447 25.38 16.99 17.99
N ASN A 448 24.47 16.76 18.94
CA ASN A 448 24.73 15.90 20.08
C ASN A 448 24.06 14.55 19.86
N PRO A 449 24.75 13.45 20.18
CA PRO A 449 24.17 12.13 19.98
C PRO A 449 23.32 11.69 21.17
N TYR A 450 22.20 11.03 20.87
CA TYR A 450 21.18 10.70 21.85
C TYR A 450 20.71 9.27 21.69
N ALA A 451 20.50 8.61 22.82
CA ALA A 451 19.90 7.29 22.91
C ALA A 451 18.45 7.44 23.34
N VAL A 452 17.81 6.31 23.69
CA VAL A 452 16.48 6.31 24.30
C VAL A 452 16.45 5.30 25.44
N CYS A 453 16.03 5.73 26.61
CA CYS A 453 15.91 4.82 27.74
C CYS A 453 14.72 3.89 27.56
N ASP A 454 14.58 2.94 28.49
CA ASP A 454 13.50 1.96 28.38
C ASP A 454 12.13 2.61 28.45
N LYS A 455 11.95 3.54 29.39
CA LYS A 455 10.63 4.08 29.67
C LYS A 455 10.06 4.82 28.47
N CYS A 456 10.85 5.72 27.89
CA CYS A 456 10.36 6.50 26.75
C CYS A 456 10.15 5.63 25.52
N LEU A 457 11.01 4.64 25.31
CA LEU A 457 10.85 3.74 24.17
C LEU A 457 9.55 2.96 24.26
N LYS A 458 9.30 2.31 25.40
CA LYS A 458 8.07 1.55 25.55
C LYS A 458 6.84 2.45 25.54
N PHE A 459 6.95 3.65 26.14
CA PHE A 459 5.81 4.56 26.20
C PHE A 459 5.42 5.06 24.81
N TYR A 460 6.37 5.59 24.05
CA TYR A 460 6.01 6.11 22.74
C TYR A 460 5.76 5.01 21.72
N SER A 461 6.30 3.81 21.93
CA SER A 461 5.88 2.70 21.11
C SER A 461 4.42 2.34 21.37
N LYS A 462 3.99 2.41 22.64
CA LYS A 462 2.58 2.15 22.94
C LYS A 462 1.68 3.24 22.37
N ILE A 463 2.13 4.49 22.46
CA ILE A 463 1.38 5.62 21.88
C ILE A 463 1.23 5.43 20.38
N SER A 464 2.30 5.05 19.69
CA SER A 464 2.23 4.84 18.25
C SER A 464 1.44 3.61 17.89
N GLU A 465 1.41 2.60 18.77
CA GLU A 465 0.54 1.44 18.54
C GLU A 465 -0.93 1.84 18.57
N TYR A 466 -1.32 2.64 19.57
CA TYR A 466 -2.69 3.14 19.62
C TYR A 466 -2.99 4.05 18.43
N ARG A 467 -2.08 4.98 18.13
CA ARG A 467 -2.38 6.03 17.18
C ARG A 467 -2.37 5.54 15.73
N HIS A 468 -1.40 4.71 15.35
CA HIS A 468 -1.13 4.45 13.95
C HIS A 468 -1.38 3.00 13.54
N TYR A 469 -2.16 2.26 14.33
CA TYR A 469 -2.47 0.87 13.99
C TYR A 469 -3.26 0.81 12.68
N SER A 470 -2.94 -0.18 11.84
CA SER A 470 -3.63 -0.35 10.58
C SER A 470 -4.44 -1.65 10.51
N TYR A 471 -3.80 -2.81 10.66
CA TYR A 471 -4.49 -4.10 10.58
C TYR A 471 -3.55 -5.22 11.01
N SER A 472 -4.14 -6.30 11.53
CA SER A 472 -3.39 -7.48 11.91
C SER A 472 -3.52 -8.56 10.85
N LEU A 473 -2.40 -9.04 10.34
CA LEU A 473 -2.36 -10.08 9.32
C LEU A 473 -1.71 -11.32 9.91
N TYR A 474 -2.12 -12.47 9.41
CA TYR A 474 -1.50 -13.70 9.89
C TYR A 474 -0.10 -13.86 9.31
N GLY A 475 0.68 -14.75 9.91
CA GLY A 475 2.01 -15.03 9.40
C GLY A 475 1.98 -15.68 8.03
N THR A 476 1.08 -16.65 7.84
CA THR A 476 0.93 -17.28 6.53
C THR A 476 0.43 -16.30 5.50
N THR A 477 -0.50 -15.42 5.88
CA THR A 477 -0.97 -14.38 4.98
C THR A 477 0.15 -13.41 4.61
N LEU A 478 1.00 -13.06 5.58
CA LEU A 478 2.15 -12.22 5.28
C LEU A 478 3.10 -12.91 4.31
N GLU A 479 3.36 -14.20 4.53
CA GLU A 479 4.27 -14.94 3.65
C GLU A 479 3.71 -15.02 2.22
N GLN A 480 2.40 -15.26 2.09
CA GLN A 480 1.82 -15.34 0.76
C GLN A 480 1.65 -13.97 0.12
N GLN A 481 1.59 -12.91 0.92
CA GLN A 481 1.40 -11.57 0.37
C GLN A 481 2.71 -10.95 -0.09
N TYR A 482 3.73 -11.00 0.76
CA TYR A 482 5.01 -10.36 0.42
C TYR A 482 5.90 -11.23 -0.45
N ASN A 483 5.48 -12.46 -0.75
CA ASN A 483 6.23 -13.39 -1.60
C ASN A 483 7.63 -13.68 -1.04
N LYS A 484 7.80 -13.53 0.26
CA LYS A 484 9.06 -13.78 0.95
C LYS A 484 8.77 -14.52 2.25
N PRO A 485 9.68 -15.36 2.70
CA PRO A 485 9.53 -15.97 4.02
C PRO A 485 9.69 -14.93 5.12
N LEU A 486 9.18 -15.28 6.30
CA LEU A 486 9.25 -14.35 7.43
C LEU A 486 10.68 -14.08 7.87
N SER A 487 11.61 -15.00 7.61
CA SER A 487 13.01 -14.78 7.95
C SER A 487 13.67 -13.77 7.03
N ASP A 488 13.03 -13.39 5.93
CA ASP A 488 13.55 -12.38 5.02
C ASP A 488 12.85 -11.04 5.16
N LEU A 489 12.05 -10.86 6.20
CA LEU A 489 11.32 -9.62 6.44
C LEU A 489 11.69 -9.05 7.81
N LEU A 490 11.71 -7.73 7.90
CA LEU A 490 12.02 -7.04 9.16
C LEU A 490 10.73 -6.81 9.93
N ILE A 491 10.56 -7.55 11.01
CA ILE A 491 9.41 -7.42 11.90
C ILE A 491 9.94 -7.17 13.30
N ARG A 492 9.64 -5.99 13.84
CA ARG A 492 10.16 -5.58 15.13
C ARG A 492 9.18 -5.95 16.23
N CYS A 493 9.62 -5.89 17.47
CA CYS A 493 8.68 -6.06 18.55
C CYS A 493 7.79 -4.83 18.66
N ILE A 494 6.61 -5.01 19.25
CA ILE A 494 5.62 -3.94 19.25
C ILE A 494 5.70 -3.07 20.49
N ASN A 495 6.38 -3.51 21.54
CA ASN A 495 6.55 -2.74 22.76
C ASN A 495 7.96 -2.22 22.95
N CYS A 496 8.97 -3.02 22.63
CA CYS A 496 10.36 -2.65 22.86
C CYS A 496 11.14 -2.41 21.57
N GLN A 497 10.55 -2.69 20.41
CA GLN A 497 11.16 -2.46 19.10
C GLN A 497 12.46 -3.22 18.90
N LYS A 498 12.55 -4.41 19.49
CA LYS A 498 13.64 -5.35 19.20
C LYS A 498 13.26 -6.20 18.00
N PRO A 499 14.12 -6.31 16.98
CA PRO A 499 13.77 -7.14 15.83
C PRO A 499 13.68 -8.61 16.21
N LEU A 500 12.78 -9.31 15.55
CA LEU A 500 12.42 -10.67 15.94
C LEU A 500 13.35 -11.69 15.29
N SER A 501 13.94 -12.54 16.12
CA SER A 501 14.67 -13.70 15.62
C SER A 501 13.68 -14.72 15.07
N PRO A 502 14.11 -15.59 14.16
CA PRO A 502 13.16 -16.49 13.50
C PRO A 502 12.46 -17.47 14.42
N GLU A 503 13.00 -17.75 15.61
CA GLU A 503 12.23 -18.57 16.55
C GLU A 503 11.01 -17.84 17.07
N GLU A 504 11.07 -16.51 17.17
CA GLU A 504 9.91 -15.74 17.62
C GLU A 504 8.85 -15.65 16.53
N LYS A 505 9.27 -15.48 15.27
CA LYS A 505 8.32 -15.53 14.17
C LYS A 505 7.70 -16.91 14.04
N GLN A 506 8.50 -17.96 14.26
CA GLN A 506 7.95 -19.31 14.24
C GLN A 506 7.01 -19.55 15.42
N ARG A 507 7.24 -18.89 16.56
CA ARG A 507 6.30 -18.98 17.67
C ARG A 507 5.00 -18.27 17.34
N HIS A 508 5.06 -17.16 16.61
CA HIS A 508 3.83 -16.54 16.10
C HIS A 508 3.09 -17.47 15.14
N LEU A 509 3.83 -18.12 14.23
CA LEU A 509 3.18 -18.99 13.25
C LEU A 509 2.57 -20.21 13.91
N ASP A 510 3.26 -20.81 14.89
CA ASP A 510 2.78 -22.03 15.50
C ASP A 510 1.59 -21.77 16.42
N LYS A 511 1.61 -20.65 17.14
CA LYS A 511 0.53 -20.32 18.07
C LYS A 511 -0.61 -19.55 17.41
N LYS A 512 -0.55 -19.37 16.08
CA LYS A 512 -1.60 -18.72 15.30
C LYS A 512 -1.85 -17.29 15.78
N GLN A 513 -0.76 -16.55 16.00
CA GLN A 513 -0.82 -15.14 16.34
C GLN A 513 -0.57 -14.29 15.10
N ARG A 514 -0.85 -13.01 15.22
CA ARG A 514 -0.87 -12.10 14.09
C ARG A 514 0.16 -11.00 14.24
N PHE A 515 0.67 -10.54 13.10
CA PHE A 515 1.59 -9.42 13.02
C PHE A 515 0.80 -8.16 12.66
N HIS A 516 1.02 -7.08 13.40
CA HIS A 516 0.22 -5.87 13.28
C HIS A 516 0.98 -4.81 12.50
N ASN A 517 0.27 -4.13 11.59
CA ASN A 517 0.87 -3.07 10.80
C ASN A 517 0.67 -1.75 11.54
N ILE A 518 1.76 -1.16 12.00
CA ILE A 518 1.75 0.11 12.71
C ILE A 518 2.51 1.10 11.85
N ARG A 519 1.83 2.15 11.38
CA ARG A 519 2.46 3.24 10.62
C ARG A 519 3.22 2.71 9.40
N GLY A 520 2.66 1.70 8.75
CA GLY A 520 3.26 1.14 7.57
C GLY A 520 4.38 0.15 7.79
N ARG A 521 4.76 -0.12 9.03
CA ARG A 521 5.78 -1.10 9.33
C ARG A 521 5.19 -2.24 10.15
N TRP A 522 5.64 -3.46 9.87
CA TRP A 522 5.08 -4.63 10.53
C TRP A 522 5.75 -4.86 11.86
N THR A 523 4.96 -5.26 12.85
CA THR A 523 5.45 -5.51 14.19
C THR A 523 4.86 -6.82 14.70
N GLY A 524 5.57 -7.45 15.62
CA GLY A 524 5.07 -8.67 16.22
C GLY A 524 5.10 -8.60 17.73
N ARG A 525 5.70 -9.60 18.36
CA ARG A 525 5.87 -9.62 19.82
C ARG A 525 6.94 -10.63 20.16
N CYS A 526 8.05 -10.17 20.74
CA CYS A 526 9.10 -11.07 21.14
C CYS A 526 8.72 -11.83 22.40
N MET A 527 9.45 -12.92 22.67
CA MET A 527 9.19 -13.72 23.86
C MET A 527 9.49 -12.97 25.13
N SER A 528 10.35 -11.95 25.08
CA SER A 528 10.59 -11.12 26.26
C SER A 528 9.34 -10.36 26.66
N CYS A 529 8.59 -9.84 25.68
CA CYS A 529 7.39 -9.07 25.93
C CYS A 529 6.11 -9.89 25.85
N SER A 530 6.21 -11.20 25.63
CA SER A 530 5.03 -12.05 25.56
C SER A 530 4.86 -12.85 26.84
N PRO B 6 42.51 1.83 4.76
CA PRO B 6 41.82 1.14 5.84
C PRO B 6 40.95 2.08 6.68
N SER B 7 40.31 3.04 6.02
CA SER B 7 39.47 4.02 6.71
C SER B 7 38.11 3.41 7.00
N GLN B 8 37.89 3.02 8.25
CA GLN B 8 36.65 2.36 8.65
C GLN B 8 35.54 3.34 8.97
N LYS B 9 35.75 4.64 8.77
CA LYS B 9 34.84 5.65 9.26
C LYS B 9 33.52 5.62 8.49
N THR B 10 32.41 5.62 9.23
CA THR B 10 31.09 5.52 8.61
C THR B 10 30.73 6.84 7.92
N TYR B 11 30.34 6.73 6.66
CA TYR B 11 30.01 7.88 5.81
C TYR B 11 28.72 7.55 5.07
N GLN B 12 27.61 8.19 5.50
CA GLN B 12 26.32 7.93 4.87
C GLN B 12 26.28 8.43 3.44
N GLY B 13 27.08 9.45 3.12
CA GLY B 13 27.16 9.95 1.76
C GLY B 13 26.02 10.87 1.40
N SER B 14 26.08 11.37 0.17
CA SER B 14 25.04 12.24 -0.35
C SER B 14 23.73 11.49 -0.56
N TYR B 15 23.79 10.17 -0.72
CA TYR B 15 22.62 9.36 -1.03
C TYR B 15 22.13 8.53 0.15
N GLY B 16 22.66 8.77 1.34
CA GLY B 16 22.24 8.03 2.52
C GLY B 16 22.54 6.55 2.47
N PHE B 17 23.77 6.20 2.09
CA PHE B 17 24.14 4.79 2.01
C PHE B 17 24.27 4.19 3.41
N ARG B 18 23.63 3.03 3.60
CA ARG B 18 23.75 2.31 4.85
C ARG B 18 23.53 0.83 4.59
N LEU B 19 23.97 0.01 5.55
CA LEU B 19 23.95 -1.43 5.43
C LEU B 19 22.93 -2.02 6.40
N GLY B 20 22.11 -2.92 5.90
CA GLY B 20 21.21 -3.69 6.73
C GLY B 20 21.55 -5.17 6.64
N PHE B 21 21.07 -5.95 7.61
CA PHE B 21 21.38 -7.37 7.66
C PHE B 21 20.16 -8.13 8.14
N LEU B 22 20.15 -9.43 7.85
CA LEU B 22 19.04 -10.29 8.24
C LEU B 22 19.31 -10.84 9.63
N HIS B 23 18.40 -10.59 10.56
CA HIS B 23 18.49 -11.12 11.92
C HIS B 23 18.10 -12.59 11.85
N SER B 24 19.09 -13.42 11.51
CA SER B 24 18.87 -14.83 11.22
C SER B 24 18.94 -15.71 12.47
N GLY B 25 18.96 -15.11 13.65
CA GLY B 25 18.83 -15.87 14.86
C GLY B 25 20.12 -16.53 15.31
N THR B 26 20.02 -17.23 16.44
CA THR B 26 21.18 -17.83 17.09
C THR B 26 20.94 -19.34 17.10
N ALA B 27 20.52 -19.87 15.97
CA ALA B 27 20.21 -21.29 15.86
C ALA B 27 21.49 -22.13 15.86
N LYS B 28 21.34 -23.39 16.26
CA LYS B 28 22.47 -24.31 16.25
C LYS B 28 22.88 -24.68 14.84
N SER B 29 21.99 -24.55 13.87
CA SER B 29 22.23 -24.98 12.49
C SER B 29 22.33 -23.82 11.52
N VAL B 30 22.41 -22.58 12.01
CA VAL B 30 22.43 -21.42 11.13
C VAL B 30 23.81 -21.29 10.51
N THR B 31 23.85 -20.87 9.24
CA THR B 31 25.10 -20.71 8.52
C THR B 31 25.64 -19.29 8.60
N CYS B 32 24.77 -18.28 8.67
CA CYS B 32 25.20 -16.90 8.77
C CYS B 32 24.24 -16.12 9.66
N THR B 33 24.80 -15.29 10.54
CA THR B 33 24.00 -14.52 11.47
C THR B 33 24.66 -13.17 11.69
N TYR B 34 23.88 -12.20 12.15
CA TYR B 34 24.37 -10.85 12.36
C TYR B 34 24.05 -10.42 13.79
N SER B 35 25.02 -9.74 14.41
CA SER B 35 24.86 -9.23 15.77
C SER B 35 25.02 -7.72 15.74
N PRO B 36 23.99 -6.93 16.05
CA PRO B 36 24.09 -5.48 15.94
C PRO B 36 24.84 -4.87 17.12
N ALA B 37 24.82 -5.55 18.26
CA ALA B 37 25.57 -5.07 19.42
C ALA B 37 27.07 -5.16 19.17
N LEU B 38 27.53 -6.34 18.72
CA LEU B 38 28.93 -6.49 18.35
C LEU B 38 29.22 -5.86 17.01
N ASN B 39 28.18 -5.56 16.23
CA ASN B 39 28.30 -5.16 14.83
C ASN B 39 29.13 -6.18 14.04
N LYS B 40 28.86 -7.45 14.29
CA LYS B 40 29.64 -8.52 13.69
C LYS B 40 28.76 -9.43 12.88
N MET B 41 29.24 -9.80 11.70
CA MET B 41 28.54 -10.71 10.80
C MET B 41 29.20 -12.08 10.87
N PHE B 42 28.72 -12.92 11.78
CA PHE B 42 29.21 -14.28 11.87
C PHE B 42 28.75 -15.08 10.65
N CYS B 43 29.60 -16.00 10.21
CA CYS B 43 29.31 -16.72 8.98
C CYS B 43 30.03 -18.06 9.02
N GLN B 44 29.67 -18.91 8.05
CA GLN B 44 30.24 -20.24 7.89
C GLN B 44 30.94 -20.30 6.54
N LEU B 45 32.08 -20.99 6.51
CA LEU B 45 32.95 -20.99 5.34
C LEU B 45 32.19 -21.45 4.09
N ALA B 46 32.28 -20.65 3.03
CA ALA B 46 31.63 -20.91 1.74
C ALA B 46 30.12 -21.03 1.88
N LYS B 47 29.50 -20.09 2.60
CA LYS B 47 28.04 -20.06 2.75
C LYS B 47 27.51 -18.66 2.46
N THR B 48 26.19 -18.56 2.44
CA THR B 48 25.52 -17.33 2.01
C THR B 48 25.69 -16.22 3.04
N CYS B 49 25.99 -15.01 2.56
CA CYS B 49 26.13 -13.82 3.41
C CYS B 49 25.20 -12.73 2.88
N PRO B 50 24.00 -12.60 3.39
CA PRO B 50 23.09 -11.59 2.87
C PRO B 50 23.35 -10.21 3.46
N VAL B 51 23.87 -9.28 2.66
CA VAL B 51 24.13 -7.91 3.08
C VAL B 51 23.24 -7.00 2.26
N GLN B 52 22.37 -6.24 2.91
CA GLN B 52 21.42 -5.38 2.23
C GLN B 52 21.97 -3.96 2.18
N LEU B 53 21.76 -3.30 1.04
CA LEU B 53 22.20 -1.92 0.84
C LEU B 53 20.96 -1.04 0.72
N TRP B 54 20.92 0.02 1.53
CA TRP B 54 19.82 0.98 1.52
C TRP B 54 20.39 2.35 1.19
N VAL B 55 19.73 3.07 0.28
CA VAL B 55 20.11 4.43 -0.05
C VAL B 55 18.87 5.32 0.00
N ASP B 56 19.08 6.56 0.42
CA ASP B 56 17.98 7.53 0.44
C ASP B 56 17.67 8.02 -0.98
N SER B 57 18.68 8.23 -1.80
CA SER B 57 18.51 8.64 -3.19
C SER B 57 19.28 7.70 -4.10
N THR B 58 18.75 7.48 -5.29
CA THR B 58 19.36 6.56 -6.24
C THR B 58 20.61 7.18 -6.84
N PRO B 59 21.77 6.53 -6.70
CA PRO B 59 23.00 7.08 -7.29
C PRO B 59 22.98 6.93 -8.80
N PRO B 60 23.82 7.68 -9.51
CA PRO B 60 23.91 7.50 -10.95
C PRO B 60 24.46 6.12 -11.29
N PRO B 61 24.13 5.59 -12.47
CA PRO B 61 24.65 4.29 -12.88
C PRO B 61 26.17 4.32 -13.04
N GLY B 62 26.78 3.16 -12.86
CA GLY B 62 28.21 3.05 -12.72
C GLY B 62 28.69 3.02 -11.29
N THR B 63 27.77 2.99 -10.33
CA THR B 63 28.13 2.98 -8.92
C THR B 63 28.77 1.65 -8.54
N ARG B 64 29.88 1.73 -7.81
CA ARG B 64 30.72 0.56 -7.53
C ARG B 64 30.64 0.25 -6.04
N VAL B 65 29.97 -0.85 -5.70
CA VAL B 65 29.97 -1.39 -4.34
C VAL B 65 31.24 -2.21 -4.20
N ARG B 66 32.20 -1.71 -3.42
CA ARG B 66 33.49 -2.36 -3.25
C ARG B 66 33.58 -2.93 -1.85
N ALA B 67 33.90 -4.21 -1.76
CA ALA B 67 34.16 -4.87 -0.48
C ALA B 67 35.67 -4.99 -0.29
N MET B 68 36.15 -4.48 0.84
CA MET B 68 37.56 -4.55 1.18
C MET B 68 37.70 -5.04 2.61
N ALA B 69 38.44 -6.11 2.83
CA ALA B 69 38.62 -6.66 4.15
C ALA B 69 39.97 -6.21 4.71
N ILE B 70 39.95 -5.67 5.92
CA ILE B 70 41.18 -5.31 6.64
C ILE B 70 41.14 -6.00 8.00
N TYR B 71 42.17 -5.80 8.81
CA TYR B 71 42.18 -6.30 10.18
C TYR B 71 41.66 -5.23 11.12
N LYS B 72 41.01 -5.66 12.20
CA LYS B 72 40.43 -4.72 13.15
C LYS B 72 41.49 -4.09 14.05
N GLN B 73 42.48 -4.88 14.47
CA GLN B 73 43.45 -4.41 15.47
C GLN B 73 44.32 -3.31 14.90
N SER B 74 44.82 -2.45 15.81
CA SER B 74 45.62 -1.31 15.40
C SER B 74 46.95 -1.73 14.78
N GLN B 75 47.63 -2.71 15.38
CA GLN B 75 48.92 -3.14 14.85
C GLN B 75 48.79 -4.00 13.61
N HIS B 76 47.60 -4.50 13.30
CA HIS B 76 47.42 -5.43 12.20
C HIS B 76 46.80 -4.79 10.95
N MET B 77 46.39 -3.52 11.02
CA MET B 77 45.86 -2.85 9.84
C MET B 77 46.89 -2.64 8.75
N THR B 78 48.18 -2.78 9.06
CA THR B 78 49.26 -2.45 8.14
C THR B 78 49.54 -3.56 7.12
N GLU B 79 48.98 -4.75 7.29
CA GLU B 79 49.20 -5.83 6.34
C GLU B 79 47.87 -6.46 5.94
N VAL B 80 47.83 -6.96 4.72
CA VAL B 80 46.57 -7.30 4.05
C VAL B 80 46.11 -8.68 4.50
N VAL B 81 44.78 -8.89 4.51
CA VAL B 81 44.22 -10.21 4.74
C VAL B 81 44.49 -11.08 3.51
N ARG B 82 45.52 -11.91 3.60
CA ARG B 82 45.80 -12.84 2.52
C ARG B 82 44.97 -14.10 2.70
N ARG B 83 44.68 -14.74 1.57
CA ARG B 83 43.99 -16.02 1.62
C ARG B 83 44.84 -17.06 2.33
N CYS B 84 44.15 -17.92 3.06
CA CYS B 84 44.82 -18.95 3.85
C CYS B 84 45.62 -19.88 2.94
N PRO B 85 46.84 -20.25 3.34
CA PRO B 85 47.69 -21.08 2.46
C PRO B 85 47.12 -22.47 2.19
N HIS B 86 46.19 -22.95 3.01
CA HIS B 86 45.54 -24.23 2.73
C HIS B 86 44.79 -24.18 1.41
N HIS B 87 44.11 -23.07 1.13
CA HIS B 87 43.26 -22.95 -0.04
C HIS B 87 43.97 -22.35 -1.24
N GLU B 88 45.23 -21.95 -1.09
CA GLU B 88 45.98 -21.39 -2.21
C GLU B 88 46.60 -22.48 -3.07
N LEU B 96 37.17 -23.12 -7.94
CA LEU B 96 36.92 -22.13 -8.98
C LEU B 96 37.37 -20.75 -8.54
N ALA B 97 37.41 -20.53 -7.23
CA ALA B 97 37.78 -19.23 -6.69
C ALA B 97 39.27 -18.97 -6.88
N PRO B 98 39.65 -17.71 -7.13
CA PRO B 98 41.06 -17.39 -7.19
C PRO B 98 41.72 -17.55 -5.84
N PRO B 99 42.99 -17.96 -5.80
CA PRO B 99 43.67 -18.16 -4.51
C PRO B 99 44.16 -16.88 -3.84
N GLN B 100 43.74 -15.70 -4.30
CA GLN B 100 44.22 -14.45 -3.74
C GLN B 100 43.12 -13.51 -3.23
N HIS B 101 41.88 -13.69 -3.66
CA HIS B 101 40.77 -12.82 -3.27
C HIS B 101 39.95 -13.50 -2.18
N LEU B 102 39.82 -12.84 -1.04
CA LEU B 102 39.22 -13.48 0.14
C LEU B 102 37.70 -13.49 0.06
N ILE B 103 37.09 -12.30 0.03
CA ILE B 103 35.64 -12.23 -0.03
C ILE B 103 35.16 -12.59 -1.43
N ARG B 104 34.16 -13.47 -1.50
CA ARG B 104 33.54 -13.84 -2.77
C ARG B 104 32.11 -13.34 -2.80
N VAL B 105 31.66 -13.00 -3.99
CA VAL B 105 30.29 -12.56 -4.23
C VAL B 105 29.61 -13.54 -5.18
N GLU B 106 28.41 -13.96 -4.82
CA GLU B 106 27.69 -14.96 -5.61
C GLU B 106 26.31 -14.43 -5.99
N ARG B 110 30.83 -11.16 -14.27
CA ARG B 110 30.43 -9.75 -14.29
C ARG B 110 31.06 -8.97 -13.14
N VAL B 111 31.28 -9.66 -12.01
CA VAL B 111 31.85 -9.01 -10.84
C VAL B 111 33.34 -8.83 -11.04
N GLU B 112 33.83 -7.63 -10.76
CA GLU B 112 35.22 -7.28 -11.01
C GLU B 112 36.03 -7.39 -9.73
N TYR B 113 37.34 -7.55 -9.90
CA TYR B 113 38.26 -7.72 -8.78
C TYR B 113 39.50 -6.88 -9.03
N LEU B 114 39.91 -6.11 -8.02
CA LEU B 114 41.03 -5.19 -8.16
C LEU B 114 42.04 -5.47 -7.06
N ASP B 115 43.31 -5.25 -7.37
CA ASP B 115 44.40 -5.31 -6.41
C ASP B 115 45.15 -3.98 -6.42
N ASP B 116 45.48 -3.49 -5.24
CA ASP B 116 46.22 -2.23 -5.13
C ASP B 116 47.62 -2.39 -5.72
N ARG B 117 48.13 -1.31 -6.30
CA ARG B 117 49.43 -1.34 -6.96
C ARG B 117 50.59 -1.15 -5.99
N ASN B 118 50.35 -0.71 -4.76
CA ASN B 118 51.41 -0.48 -3.79
C ASN B 118 51.28 -1.33 -2.54
N THR B 119 50.08 -1.42 -1.97
CA THR B 119 49.87 -2.19 -0.75
C THR B 119 49.20 -3.54 -1.00
N PHE B 120 48.74 -3.80 -2.23
CA PHE B 120 48.21 -5.10 -2.65
C PHE B 120 46.99 -5.50 -1.82
N ARG B 121 45.93 -4.71 -1.96
CA ARG B 121 44.67 -4.96 -1.24
C ARG B 121 43.61 -5.44 -2.22
N HIS B 122 42.93 -6.52 -1.85
CA HIS B 122 41.93 -7.16 -2.71
C HIS B 122 40.58 -6.49 -2.51
N SER B 123 40.06 -5.87 -3.57
CA SER B 123 38.77 -5.19 -3.54
C SER B 123 37.81 -5.88 -4.50
N VAL B 124 36.67 -6.30 -3.98
CA VAL B 124 35.65 -7.00 -4.77
C VAL B 124 34.62 -5.96 -5.20
N VAL B 125 34.60 -5.63 -6.49
CA VAL B 125 33.82 -4.51 -7.00
C VAL B 125 32.63 -5.05 -7.78
N VAL B 126 31.44 -4.58 -7.43
CA VAL B 126 30.20 -4.97 -8.10
C VAL B 126 29.47 -3.72 -8.54
N PRO B 127 28.99 -3.64 -9.78
CA PRO B 127 28.11 -2.53 -10.16
C PRO B 127 26.82 -2.56 -9.36
N TYR B 128 26.43 -1.39 -8.82
CA TYR B 128 25.26 -1.30 -7.97
C TYR B 128 24.00 -1.36 -8.83
N GLU B 129 22.97 -2.02 -8.29
CA GLU B 129 21.68 -2.13 -8.97
C GLU B 129 20.57 -1.76 -8.01
N PRO B 130 19.67 -0.85 -8.40
CA PRO B 130 18.52 -0.52 -7.54
C PRO B 130 17.55 -1.68 -7.47
N PRO B 131 16.75 -1.78 -6.41
CA PRO B 131 15.77 -2.87 -6.31
C PRO B 131 14.56 -2.66 -7.20
N ASP B 136 13.33 -3.20 -1.90
CA ASP B 136 13.55 -2.03 -1.07
C ASP B 136 14.96 -1.97 -0.48
N CYS B 137 15.78 -2.97 -0.83
CA CYS B 137 17.18 -3.00 -0.40
C CYS B 137 17.95 -3.90 -1.36
N THR B 138 19.06 -3.41 -1.88
CA THR B 138 19.89 -4.19 -2.79
C THR B 138 20.59 -5.27 -1.97
N THR B 139 20.11 -6.51 -2.05
CA THR B 139 20.65 -7.59 -1.25
C THR B 139 21.75 -8.29 -2.02
N ILE B 140 23.00 -8.06 -1.62
CA ILE B 140 24.16 -8.70 -2.23
C ILE B 140 24.56 -9.88 -1.36
N HIS B 141 24.81 -11.02 -2.00
CA HIS B 141 25.24 -12.23 -1.31
C HIS B 141 26.76 -12.33 -1.40
N TYR B 142 27.42 -12.18 -0.26
CA TYR B 142 28.86 -12.37 -0.16
C TYR B 142 29.15 -13.77 0.36
N ASN B 143 30.40 -14.21 0.16
CA ASN B 143 30.88 -15.48 0.70
C ASN B 143 32.30 -15.31 1.20
N TYR B 144 32.61 -16.03 2.28
CA TYR B 144 33.96 -16.08 2.82
C TYR B 144 34.50 -17.50 2.66
N MET B 145 35.79 -17.61 2.32
CA MET B 145 36.36 -18.90 1.96
C MET B 145 37.40 -19.43 2.93
N CYS B 146 37.91 -18.62 3.85
CA CYS B 146 38.74 -19.13 4.93
C CYS B 146 38.10 -18.82 6.27
N ASN B 147 38.37 -19.70 7.23
CA ASN B 147 37.88 -19.53 8.58
C ASN B 147 38.60 -18.37 9.27
N SER B 148 37.96 -17.85 10.31
CA SER B 148 38.61 -16.87 11.18
C SER B 148 39.58 -17.51 12.15
N SER B 149 39.88 -18.80 11.96
CA SER B 149 40.90 -19.50 12.72
C SER B 149 41.81 -20.31 11.80
N CYS B 150 41.98 -19.87 10.55
CA CYS B 150 42.85 -20.55 9.62
C CYS B 150 44.31 -20.41 10.04
N MET B 151 45.13 -21.35 9.58
CA MET B 151 46.56 -21.34 9.86
C MET B 151 47.31 -20.72 8.69
N GLY B 152 48.19 -19.76 9.01
CA GLY B 152 48.95 -19.04 8.02
C GLY B 152 48.26 -17.81 7.47
N GLY B 153 46.95 -17.71 7.63
CA GLY B 153 46.20 -16.56 7.17
C GLY B 153 45.79 -15.66 8.30
N MET B 154 44.54 -15.81 8.76
CA MET B 154 44.03 -14.94 9.81
C MET B 154 44.67 -15.24 11.15
N ASN B 155 44.70 -16.51 11.54
CA ASN B 155 45.24 -16.97 12.83
C ASN B 155 44.58 -16.25 14.00
N ARG B 156 43.25 -16.38 14.06
CA ARG B 156 42.39 -15.75 15.07
C ARG B 156 42.59 -14.24 15.13
N ARG B 157 42.70 -13.61 13.97
CA ARG B 157 42.76 -12.16 13.89
C ARG B 157 41.43 -11.64 13.39
N PRO B 158 40.71 -10.86 14.19
CA PRO B 158 39.42 -10.32 13.74
C PRO B 158 39.57 -9.44 12.51
N ILE B 159 38.57 -9.48 11.64
CA ILE B 159 38.60 -8.75 10.38
C ILE B 159 37.43 -7.78 10.33
N LEU B 160 37.66 -6.64 9.70
CA LEU B 160 36.63 -5.67 9.37
C LEU B 160 36.39 -5.72 7.87
N THR B 161 35.15 -5.97 7.48
CA THR B 161 34.77 -5.84 6.08
C THR B 161 34.20 -4.44 5.89
N ILE B 162 34.73 -3.72 4.91
CA ILE B 162 34.30 -2.37 4.59
C ILE B 162 33.56 -2.43 3.25
N ILE B 163 32.32 -1.97 3.26
CA ILE B 163 31.49 -1.91 2.07
C ILE B 163 31.37 -0.45 1.68
N THR B 164 32.03 -0.07 0.59
CA THR B 164 32.08 1.30 0.14
C THR B 164 31.28 1.45 -1.14
N LEU B 165 30.21 2.24 -1.08
CA LEU B 165 29.48 2.64 -2.27
C LEU B 165 30.22 3.82 -2.87
N GLU B 166 31.13 3.54 -3.80
CA GLU B 166 31.95 4.58 -4.40
C GLU B 166 31.83 4.50 -5.91
N ASP B 167 31.71 5.65 -6.56
CA ASP B 167 31.59 5.68 -8.01
C ASP B 167 32.98 5.85 -8.64
N ASN B 171 35.98 9.94 -4.93
CA ASN B 171 35.07 9.08 -5.69
C ASN B 171 34.11 8.34 -4.77
N LEU B 172 34.14 8.71 -3.49
CA LEU B 172 33.32 8.06 -2.48
C LEU B 172 31.96 8.71 -2.38
N LEU B 173 30.91 7.90 -2.43
CA LEU B 173 29.54 8.36 -2.19
C LEU B 173 28.92 7.72 -0.97
N GLY B 174 29.70 6.98 -0.18
CA GLY B 174 29.16 6.29 0.98
C GLY B 174 30.04 5.15 1.44
N ARG B 175 30.04 4.88 2.75
CA ARG B 175 30.86 3.82 3.31
C ARG B 175 30.18 3.27 4.55
N ASN B 176 30.42 1.99 4.81
CA ASN B 176 30.05 1.39 6.08
C ASN B 176 30.99 0.20 6.31
N SER B 177 30.91 -0.38 7.49
CA SER B 177 31.81 -1.48 7.82
C SER B 177 31.19 -2.34 8.91
N PHE B 178 31.75 -3.53 9.07
CA PHE B 178 31.29 -4.45 10.10
C PHE B 178 32.37 -5.50 10.34
N GLU B 179 32.58 -5.85 11.59
CA GLU B 179 33.47 -6.96 11.89
C GLU B 179 32.87 -8.26 11.38
N VAL B 180 33.74 -9.22 11.08
CA VAL B 180 33.32 -10.51 10.53
C VAL B 180 34.03 -11.62 11.29
N ARG B 181 33.31 -12.68 11.62
CA ARG B 181 33.90 -13.92 12.10
C ARG B 181 33.42 -15.06 11.23
N VAL B 182 34.35 -15.89 10.77
CA VAL B 182 34.03 -17.08 10.00
C VAL B 182 34.49 -18.26 10.84
N CYS B 183 33.55 -18.94 11.49
CA CYS B 183 33.93 -19.94 12.48
C CYS B 183 33.30 -21.29 12.19
N ALA B 184 33.43 -22.23 13.14
CA ALA B 184 32.88 -23.56 12.94
C ALA B 184 31.36 -23.55 13.03
N CYS B 185 30.79 -22.72 13.89
CA CYS B 185 29.34 -22.63 14.01
C CYS B 185 28.95 -21.23 14.46
N PRO B 186 28.24 -20.46 13.62
CA PRO B 186 27.86 -19.08 14.00
C PRO B 186 26.80 -19.00 15.08
N GLY B 187 26.38 -20.13 15.63
CA GLY B 187 25.35 -20.13 16.65
C GLY B 187 25.91 -20.03 18.05
N ARG B 188 26.86 -20.90 18.40
CA ARG B 188 27.42 -20.89 19.74
C ARG B 188 28.21 -19.62 20.01
N ASP B 189 29.03 -19.18 19.05
CA ASP B 189 29.96 -18.09 19.33
C ASP B 189 29.24 -16.75 19.38
N ARG B 190 28.17 -16.58 18.59
CA ARG B 190 27.40 -15.34 18.66
C ARG B 190 26.76 -15.16 20.03
N ARG B 191 26.12 -16.21 20.53
CA ARG B 191 25.54 -16.16 21.87
C ARG B 191 26.61 -15.95 22.93
N THR B 192 27.74 -16.66 22.80
CA THR B 192 28.82 -16.52 23.76
C THR B 192 29.37 -15.10 23.79
N GLU B 193 29.60 -14.51 22.62
CA GLU B 193 30.17 -13.17 22.54
C GLU B 193 29.18 -12.13 23.05
N GLU B 194 27.90 -12.29 22.72
CA GLU B 194 26.90 -11.34 23.19
C GLU B 194 26.72 -11.42 24.70
N GLU B 195 26.87 -12.60 25.28
CA GLU B 195 26.79 -12.72 26.73
C GLU B 195 28.08 -12.34 27.44
N ASN B 196 29.23 -12.33 26.74
CA ASN B 196 30.41 -11.72 27.33
C ASN B 196 30.34 -10.20 27.27
N LEU B 197 29.67 -9.65 26.25
CA LEU B 197 29.43 -8.21 26.22
C LEU B 197 28.54 -7.78 27.38
N ARG B 198 27.46 -8.51 27.61
CA ARG B 198 26.52 -8.16 28.67
C ARG B 198 26.93 -8.80 30.00
N THR C 126 -7.87 -38.05 -24.39
CA THR C 126 -9.01 -37.42 -25.02
C THR C 126 -8.79 -35.91 -25.20
N TYR C 127 -8.26 -35.53 -26.35
CA TYR C 127 -8.00 -34.13 -26.69
C TYR C 127 -9.18 -33.63 -27.51
N LEU C 128 -10.22 -33.16 -26.84
CA LEU C 128 -11.41 -32.70 -27.55
C LEU C 128 -11.11 -31.42 -28.33
N THR C 129 -11.70 -31.35 -29.52
CA THR C 129 -11.68 -30.16 -30.37
C THR C 129 -13.07 -30.02 -30.98
N GLU C 130 -13.18 -29.18 -31.99
CA GLU C 130 -14.43 -29.04 -32.72
C GLU C 130 -14.77 -30.34 -33.45
N GLU C 131 -13.77 -30.98 -34.06
CA GLU C 131 -14.04 -32.12 -34.94
C GLU C 131 -14.48 -33.34 -34.14
N LYS C 132 -13.90 -33.56 -32.95
CA LYS C 132 -14.31 -34.71 -32.14
C LYS C 132 -15.76 -34.56 -31.70
N VAL C 133 -16.14 -33.35 -31.27
CA VAL C 133 -17.50 -33.11 -30.82
C VAL C 133 -18.49 -33.29 -31.96
N TYR C 134 -18.18 -32.73 -33.13
CA TYR C 134 -19.08 -32.92 -34.28
C TYR C 134 -19.14 -34.39 -34.72
N GLU C 135 -18.01 -35.08 -34.77
CA GLU C 135 -18.01 -36.47 -35.23
C GLU C 135 -18.84 -37.34 -34.30
N ILE C 136 -18.69 -37.15 -32.99
CA ILE C 136 -19.54 -37.87 -32.04
C ILE C 136 -20.99 -37.46 -32.21
N LEU C 137 -21.26 -36.18 -32.52
CA LEU C 137 -22.64 -35.70 -32.62
C LEU C 137 -23.37 -36.36 -33.80
N GLU C 138 -22.76 -36.34 -34.98
CA GLU C 138 -23.43 -37.02 -36.10
C GLU C 138 -23.37 -38.53 -36.00
N LEU C 139 -22.40 -39.10 -35.28
CA LEU C 139 -22.46 -40.54 -35.00
C LEU C 139 -23.65 -40.86 -34.10
N CYS C 140 -23.96 -39.97 -33.16
CA CYS C 140 -25.15 -40.15 -32.33
C CYS C 140 -26.43 -40.00 -33.14
N ARG C 141 -26.52 -38.97 -33.98
CA ARG C 141 -27.78 -38.76 -34.70
C ARG C 141 -27.98 -39.79 -35.81
N GLU C 142 -26.91 -40.43 -36.30
CA GLU C 142 -27.09 -41.47 -37.30
C GLU C 142 -27.72 -42.72 -36.68
N ARG C 143 -27.44 -42.99 -35.41
CA ARG C 143 -28.09 -44.08 -34.69
C ARG C 143 -29.34 -43.64 -33.96
N GLU C 144 -29.71 -42.36 -34.07
CA GLU C 144 -30.92 -41.79 -33.44
C GLU C 144 -30.90 -41.97 -31.92
N ASP C 145 -29.72 -41.87 -31.33
CA ASP C 145 -29.56 -41.97 -29.88
C ASP C 145 -28.26 -41.27 -29.51
N TYR C 146 -28.32 -40.42 -28.49
CA TYR C 146 -27.21 -39.52 -28.15
C TYR C 146 -26.37 -40.03 -26.98
N SER C 147 -26.44 -41.33 -26.68
CA SER C 147 -25.68 -41.86 -25.55
C SER C 147 -24.17 -41.67 -25.64
N PRO C 148 -23.50 -41.82 -26.81
CA PRO C 148 -22.06 -41.49 -26.85
C PRO C 148 -21.76 -40.05 -26.45
N LEU C 149 -22.58 -39.09 -26.87
CA LEU C 149 -22.32 -37.71 -26.45
C LEU C 149 -22.49 -37.54 -24.95
N ILE C 150 -23.51 -38.17 -24.37
CA ILE C 150 -23.73 -38.05 -22.93
C ILE C 150 -22.54 -38.64 -22.16
N ARG C 151 -22.09 -39.83 -22.56
CA ARG C 151 -20.99 -40.46 -21.82
C ARG C 151 -19.69 -39.69 -22.01
N VAL C 152 -19.42 -39.19 -23.22
CA VAL C 152 -18.21 -38.41 -23.45
C VAL C 152 -18.23 -37.13 -22.61
N ILE C 153 -19.32 -36.36 -22.70
CA ILE C 153 -19.40 -35.09 -21.98
C ILE C 153 -19.37 -35.32 -20.47
N GLY C 154 -19.97 -36.41 -19.99
CA GLY C 154 -19.89 -36.72 -18.58
C GLY C 154 -18.50 -37.06 -18.11
N ARG C 155 -17.76 -37.86 -18.89
CA ARG C 155 -16.45 -38.31 -18.42
C ARG C 155 -15.32 -37.34 -18.74
N VAL C 156 -15.51 -36.40 -19.65
CA VAL C 156 -14.43 -35.45 -19.95
C VAL C 156 -14.57 -34.17 -19.12
N PHE C 157 -15.78 -33.63 -18.97
CA PHE C 157 -16.01 -32.42 -18.21
C PHE C 157 -16.04 -32.68 -16.71
N SER C 158 -15.77 -33.91 -16.29
CA SER C 158 -15.62 -34.25 -14.88
C SER C 158 -14.16 -34.40 -14.49
N SER C 159 -13.23 -34.07 -15.39
CA SER C 159 -11.81 -34.24 -15.15
C SER C 159 -11.10 -32.94 -15.45
N ALA C 160 -10.29 -32.47 -14.51
CA ALA C 160 -9.59 -31.20 -14.70
C ALA C 160 -8.51 -31.29 -15.77
N GLU C 161 -7.92 -32.47 -15.95
CA GLU C 161 -6.77 -32.61 -16.84
C GLU C 161 -7.18 -32.46 -18.30
N ALA C 162 -8.36 -32.94 -18.66
CA ALA C 162 -8.74 -33.02 -20.06
C ALA C 162 -9.07 -31.65 -20.63
N LEU C 163 -9.82 -30.82 -19.89
CA LEU C 163 -10.24 -29.52 -20.38
C LEU C 163 -9.08 -28.56 -20.56
N VAL C 164 -8.00 -28.75 -19.81
CA VAL C 164 -6.82 -27.92 -19.98
C VAL C 164 -6.19 -28.15 -21.35
N GLN C 165 -6.12 -29.40 -21.78
CA GLN C 165 -5.57 -29.74 -23.09
C GLN C 165 -6.63 -29.72 -24.19
N SER C 166 -7.90 -29.52 -23.86
CA SER C 166 -8.97 -29.55 -24.85
C SER C 166 -9.24 -28.15 -25.39
N PHE C 167 -9.76 -28.11 -26.62
CA PHE C 167 -10.20 -26.89 -27.29
C PHE C 167 -9.06 -25.88 -27.39
N ARG C 168 -8.03 -26.25 -28.13
CA ARG C 168 -6.88 -25.38 -28.33
C ARG C 168 -6.92 -24.74 -29.72
N LYS C 169 -6.38 -23.52 -29.81
CA LYS C 169 -6.30 -22.83 -31.07
C LYS C 169 -5.36 -23.52 -32.03
N VAL C 170 -5.61 -23.34 -33.32
CA VAL C 170 -4.77 -23.91 -34.38
C VAL C 170 -4.24 -22.81 -35.28
N SER C 233 -4.31 -19.67 -25.91
CA SER C 233 -4.15 -21.04 -26.36
C SER C 233 -5.47 -21.80 -26.30
N VAL C 234 -6.56 -21.10 -26.61
CA VAL C 234 -7.91 -21.67 -26.48
C VAL C 234 -8.85 -20.86 -27.37
N ASP C 235 -9.73 -21.57 -28.07
CA ASP C 235 -10.68 -20.96 -28.99
C ASP C 235 -12.04 -20.78 -28.33
N ILE C 236 -12.15 -19.67 -27.56
CA ILE C 236 -13.38 -19.38 -26.82
C ILE C 236 -14.57 -19.20 -27.75
N ASP C 237 -14.34 -18.61 -28.91
CA ASP C 237 -15.40 -18.50 -29.91
C ASP C 237 -15.85 -19.88 -30.38
N ALA C 238 -14.90 -20.83 -30.50
CA ALA C 238 -15.28 -22.17 -30.91
C ALA C 238 -15.97 -22.93 -29.78
N ILE C 239 -15.64 -22.65 -28.53
CA ILE C 239 -16.40 -23.19 -27.40
C ILE C 239 -17.82 -22.66 -27.44
N ARG C 240 -17.98 -21.37 -27.75
CA ARG C 240 -19.32 -20.80 -27.90
C ARG C 240 -20.06 -21.45 -29.06
N ARG C 241 -19.36 -21.72 -30.16
CA ARG C 241 -19.98 -22.41 -31.29
C ARG C 241 -20.41 -23.83 -30.92
N VAL C 242 -19.58 -24.55 -30.15
CA VAL C 242 -19.93 -25.89 -29.72
C VAL C 242 -21.15 -25.85 -28.81
N TYR C 243 -21.19 -24.88 -27.89
CA TYR C 243 -22.34 -24.72 -27.01
C TYR C 243 -23.61 -24.37 -27.79
N THR C 244 -23.48 -23.54 -28.83
CA THR C 244 -24.61 -23.23 -29.69
C THR C 244 -25.11 -24.48 -30.42
N ARG C 245 -24.19 -25.29 -30.94
CA ARG C 245 -24.56 -26.47 -31.71
C ARG C 245 -24.89 -27.68 -30.83
N LEU C 246 -24.74 -27.57 -29.52
CA LEU C 246 -24.86 -28.72 -28.64
C LEU C 246 -25.92 -28.57 -27.57
N LEU C 247 -26.10 -27.38 -26.99
CA LEU C 247 -26.91 -27.20 -25.79
C LEU C 247 -28.41 -27.18 -26.07
N SER C 248 -28.86 -27.64 -27.24
CA SER C 248 -30.28 -27.72 -27.52
C SER C 248 -30.93 -28.98 -27.00
N ASN C 249 -30.15 -29.92 -26.45
CA ASN C 249 -30.65 -31.18 -25.92
C ASN C 249 -30.59 -31.17 -24.41
N GLU C 250 -31.68 -31.61 -23.77
CA GLU C 250 -31.75 -31.57 -22.31
C GLU C 250 -30.83 -32.59 -21.66
N LYS C 251 -30.64 -33.75 -22.30
CA LYS C 251 -29.75 -34.77 -21.75
C LYS C 251 -28.30 -34.30 -21.75
N ILE C 252 -27.89 -33.64 -22.84
CA ILE C 252 -26.55 -33.09 -22.93
C ILE C 252 -26.31 -32.05 -21.86
N GLU C 253 -27.28 -31.15 -21.64
CA GLU C 253 -27.05 -30.08 -20.68
C GLU C 253 -27.12 -30.57 -19.23
N THR C 254 -27.94 -31.59 -18.93
CA THR C 254 -27.89 -32.12 -17.57
C THR C 254 -26.62 -32.93 -17.34
N ALA C 255 -26.08 -33.55 -18.40
CA ALA C 255 -24.77 -34.17 -18.29
C ALA C 255 -23.69 -33.11 -18.03
N PHE C 256 -23.82 -31.95 -18.69
CA PHE C 256 -22.93 -30.82 -18.42
C PHE C 256 -23.00 -30.39 -16.96
N LEU C 257 -24.21 -30.30 -16.41
CA LEU C 257 -24.39 -29.89 -15.02
C LEU C 257 -23.73 -30.87 -14.07
N ASN C 258 -24.01 -32.17 -14.25
CA ASN C 258 -23.44 -33.18 -13.35
C ASN C 258 -21.93 -33.28 -13.51
N ALA C 259 -21.43 -33.09 -14.73
CA ALA C 259 -20.00 -33.12 -14.95
C ALA C 259 -19.30 -31.92 -14.30
N LEU C 260 -19.94 -30.74 -14.33
CA LEU C 260 -19.38 -29.59 -13.63
C LEU C 260 -19.38 -29.83 -12.13
N VAL C 261 -20.44 -30.46 -11.61
CA VAL C 261 -20.49 -30.80 -10.19
C VAL C 261 -19.34 -31.73 -9.82
N TYR C 262 -19.04 -32.70 -10.69
CA TYR C 262 -17.90 -33.58 -10.43
C TYR C 262 -16.58 -32.83 -10.54
N LEU C 263 -16.46 -31.95 -11.53
CA LEU C 263 -15.20 -31.26 -11.81
C LEU C 263 -14.79 -30.35 -10.66
N SER C 264 -15.76 -29.62 -10.10
CA SER C 264 -15.43 -28.48 -9.23
C SER C 264 -14.66 -28.82 -7.96
N PRO C 265 -15.07 -29.77 -7.11
CA PRO C 265 -14.36 -29.93 -5.82
C PRO C 265 -12.96 -30.50 -5.97
N ASN C 266 -12.70 -31.28 -7.02
CA ASN C 266 -11.36 -31.79 -7.28
C ASN C 266 -10.43 -30.73 -7.83
N VAL C 267 -10.92 -29.53 -8.11
CA VAL C 267 -10.09 -28.39 -8.49
C VAL C 267 -10.01 -27.44 -7.29
N GLU C 268 -11.06 -27.43 -6.48
CA GLU C 268 -11.04 -26.68 -5.23
C GLU C 268 -10.01 -27.22 -4.26
N CYS C 269 -9.94 -28.55 -4.13
CA CYS C 269 -8.90 -29.20 -3.35
C CYS C 269 -7.65 -29.47 -4.17
N ASP C 270 -7.47 -28.75 -5.26
CA ASP C 270 -6.29 -28.80 -6.10
C ASP C 270 -5.53 -27.49 -6.14
N LEU C 271 -6.23 -26.36 -6.13
CA LEU C 271 -5.52 -25.08 -6.01
C LEU C 271 -5.01 -24.85 -4.59
N THR C 272 -5.67 -25.44 -3.59
CA THR C 272 -5.28 -25.24 -2.20
C THR C 272 -4.26 -26.26 -1.72
N TYR C 273 -4.60 -27.55 -1.80
CA TYR C 273 -3.71 -28.58 -1.30
C TYR C 273 -2.53 -28.81 -2.23
N HIS C 274 -2.66 -28.44 -3.51
CA HIS C 274 -1.59 -28.56 -4.49
C HIS C 274 -1.38 -27.20 -5.14
N ASN C 275 -0.61 -27.15 -6.23
CA ASN C 275 -0.60 -25.98 -7.09
C ASN C 275 -0.31 -26.43 -8.51
N VAL C 276 -1.18 -26.04 -9.44
CA VAL C 276 -1.08 -26.45 -10.84
C VAL C 276 -0.84 -25.26 -11.77
N TYR C 277 -1.47 -24.12 -11.49
CA TYR C 277 -1.32 -22.97 -12.38
C TYR C 277 0.13 -22.48 -12.44
N SER C 278 0.87 -22.61 -11.35
CA SER C 278 2.29 -22.26 -11.38
C SER C 278 3.07 -23.14 -12.35
N ARG C 279 2.77 -24.45 -12.35
CA ARG C 279 3.41 -25.38 -13.26
C ARG C 279 2.66 -25.54 -14.58
N ASP C 280 1.48 -24.93 -14.72
CA ASP C 280 0.71 -24.97 -15.96
C ASP C 280 -0.02 -23.64 -16.14
N PRO C 281 0.50 -22.75 -16.98
CA PRO C 281 -0.28 -21.55 -17.34
C PRO C 281 -1.55 -21.89 -18.10
N ASN C 282 -1.64 -23.10 -18.66
CA ASN C 282 -2.81 -23.53 -19.41
C ASN C 282 -4.01 -23.84 -18.52
N TYR C 283 -3.80 -23.92 -17.20
CA TYR C 283 -4.87 -24.36 -16.29
C TYR C 283 -6.06 -23.42 -16.31
N LEU C 284 -5.81 -22.12 -16.57
CA LEU C 284 -6.90 -21.16 -16.64
C LEU C 284 -7.86 -21.45 -17.78
N ASN C 285 -7.45 -22.28 -18.75
CA ASN C 285 -8.37 -22.76 -19.77
C ASN C 285 -9.61 -23.38 -19.15
N LEU C 286 -9.41 -24.12 -18.05
CA LEU C 286 -10.53 -24.75 -17.33
C LEU C 286 -11.60 -23.73 -16.97
N PHE C 287 -11.19 -22.53 -16.59
CA PHE C 287 -12.13 -21.52 -16.13
C PHE C 287 -12.65 -20.62 -17.24
N ILE C 288 -12.25 -20.85 -18.48
CA ILE C 288 -12.78 -20.05 -19.60
C ILE C 288 -13.34 -20.97 -20.67
N ILE C 289 -13.59 -22.22 -20.30
CA ILE C 289 -14.41 -23.11 -21.09
C ILE C 289 -15.75 -23.40 -20.42
N VAL C 290 -15.78 -23.48 -19.08
CA VAL C 290 -17.04 -23.70 -18.35
C VAL C 290 -17.78 -22.40 -18.14
N MET C 291 -17.12 -21.25 -18.31
CA MET C 291 -17.80 -19.97 -18.16
C MET C 291 -18.64 -19.63 -19.39
N GLU C 292 -18.34 -20.24 -20.53
CA GLU C 292 -19.15 -20.02 -21.72
C GLU C 292 -20.51 -20.72 -21.64
N ASN C 293 -20.71 -21.55 -20.62
CA ASN C 293 -21.97 -22.25 -20.41
C ASN C 293 -23.09 -21.26 -20.13
N ARG C 294 -24.00 -21.08 -21.10
CA ARG C 294 -25.12 -20.16 -20.95
C ARG C 294 -26.06 -20.57 -19.83
N ASN C 295 -26.05 -21.85 -19.44
CA ASN C 295 -26.88 -22.31 -18.35
C ASN C 295 -26.28 -22.04 -16.96
N LEU C 296 -25.09 -21.43 -16.90
CA LEU C 296 -24.62 -20.92 -15.62
C LEU C 296 -25.55 -19.82 -15.11
N HIS C 297 -26.01 -18.95 -16.00
CA HIS C 297 -27.02 -17.94 -15.70
C HIS C 297 -28.40 -18.56 -15.88
N SER C 298 -28.72 -19.49 -14.98
CA SER C 298 -29.97 -20.24 -15.01
C SER C 298 -30.18 -20.91 -13.67
N PRO C 299 -31.44 -21.07 -13.22
CA PRO C 299 -31.67 -21.69 -11.91
C PRO C 299 -31.26 -23.15 -11.83
N GLU C 300 -31.05 -23.84 -12.95
CA GLU C 300 -30.62 -25.23 -12.89
C GLU C 300 -29.24 -25.36 -12.27
N TYR C 301 -28.33 -24.47 -12.63
CA TYR C 301 -26.96 -24.47 -12.11
C TYR C 301 -26.84 -23.71 -10.79
N LEU C 302 -27.94 -23.21 -10.26
CA LEU C 302 -27.89 -22.31 -9.12
C LEU C 302 -27.64 -23.04 -7.81
N GLU C 303 -28.16 -24.25 -7.67
CA GLU C 303 -28.16 -24.90 -6.37
C GLU C 303 -26.77 -25.40 -5.98
N MET C 304 -26.14 -26.20 -6.85
CA MET C 304 -24.93 -26.91 -6.48
C MET C 304 -23.83 -26.85 -7.53
N ALA C 305 -24.14 -26.59 -8.80
CA ALA C 305 -23.08 -26.46 -9.80
C ALA C 305 -22.31 -25.17 -9.62
N LEU C 306 -23.00 -24.03 -9.70
CA LEU C 306 -22.33 -22.73 -9.59
C LEU C 306 -21.70 -22.45 -8.23
N PRO C 307 -22.31 -22.78 -7.07
CA PRO C 307 -21.56 -22.63 -5.82
C PRO C 307 -20.26 -23.40 -5.79
N LEU C 308 -20.27 -24.65 -6.28
CA LEU C 308 -19.05 -25.46 -6.31
C LEU C 308 -18.02 -24.87 -7.24
N PHE C 309 -18.46 -24.41 -8.43
CA PHE C 309 -17.52 -23.84 -9.38
C PHE C 309 -16.92 -22.54 -8.87
N CYS C 310 -17.72 -21.68 -8.25
CA CYS C 310 -17.18 -20.43 -7.76
C CYS C 310 -16.32 -20.63 -6.52
N LYS C 311 -16.57 -21.69 -5.74
CA LYS C 311 -15.64 -22.03 -4.68
C LYS C 311 -14.32 -22.51 -5.26
N ALA C 312 -14.35 -23.34 -6.31
CA ALA C 312 -13.13 -23.82 -6.93
C ALA C 312 -12.35 -22.70 -7.59
N MET C 313 -13.04 -21.67 -8.07
CA MET C 313 -12.42 -20.53 -8.71
C MET C 313 -12.02 -19.43 -7.73
N SER C 314 -12.58 -19.45 -6.52
CA SER C 314 -12.28 -18.43 -5.52
C SER C 314 -10.83 -18.50 -5.04
N LYS C 315 -10.23 -19.69 -5.05
CA LYS C 315 -8.87 -19.89 -4.56
C LYS C 315 -7.83 -19.74 -5.66
N LEU C 316 -8.17 -19.10 -6.77
CA LEU C 316 -7.25 -18.94 -7.87
C LEU C 316 -6.09 -18.03 -7.46
N PRO C 317 -4.86 -18.34 -7.87
CA PRO C 317 -3.73 -17.49 -7.51
C PRO C 317 -3.79 -16.14 -8.19
N LEU C 318 -3.12 -15.16 -7.56
CA LEU C 318 -3.33 -13.75 -7.90
C LEU C 318 -2.94 -13.43 -9.33
N ALA C 319 -1.85 -14.05 -9.81
CA ALA C 319 -1.46 -13.85 -11.21
C ALA C 319 -2.52 -14.42 -12.16
N ALA C 320 -3.10 -15.58 -11.81
CA ALA C 320 -4.16 -16.14 -12.62
C ALA C 320 -5.40 -15.26 -12.60
N GLN C 321 -5.73 -14.68 -11.44
CA GLN C 321 -6.84 -13.73 -11.37
C GLN C 321 -6.57 -12.51 -12.25
N GLY C 322 -5.35 -11.99 -12.22
CA GLY C 322 -5.02 -10.87 -13.09
C GLY C 322 -5.15 -11.20 -14.56
N LYS C 323 -4.67 -12.37 -14.96
CA LYS C 323 -4.78 -12.78 -16.36
C LYS C 323 -6.25 -12.97 -16.77
N LEU C 324 -7.06 -13.52 -15.87
CA LEU C 324 -8.46 -13.76 -16.17
C LEU C 324 -9.25 -12.46 -16.27
N ILE C 325 -8.98 -11.50 -15.39
CA ILE C 325 -9.60 -10.19 -15.47
C ILE C 325 -9.17 -9.48 -16.76
N ARG C 326 -7.90 -9.59 -17.12
CA ARG C 326 -7.43 -9.01 -18.38
C ARG C 326 -8.16 -9.63 -19.57
N LEU C 327 -8.40 -10.94 -19.52
CA LEU C 327 -9.15 -11.60 -20.60
C LEU C 327 -10.59 -11.13 -20.65
N TRP C 328 -11.22 -10.97 -19.48
CA TRP C 328 -12.63 -10.57 -19.44
C TRP C 328 -12.84 -9.13 -19.86
N SER C 329 -11.82 -8.28 -19.67
CA SER C 329 -11.98 -6.84 -19.91
C SER C 329 -12.33 -6.55 -21.37
N LYS C 330 -11.91 -7.40 -22.30
CA LYS C 330 -12.16 -7.15 -23.72
C LYS C 330 -13.60 -7.47 -24.12
N TYR C 331 -14.38 -8.10 -23.25
CA TYR C 331 -15.73 -8.51 -23.63
C TYR C 331 -16.65 -7.31 -23.69
N ASN C 332 -17.74 -7.45 -24.45
CA ASN C 332 -18.71 -6.39 -24.63
C ASN C 332 -19.53 -6.19 -23.36
N ALA C 333 -20.43 -5.21 -23.41
CA ALA C 333 -21.21 -4.84 -22.23
C ALA C 333 -22.19 -5.92 -21.84
N ASP C 334 -22.78 -6.62 -22.81
CA ASP C 334 -23.77 -7.65 -22.50
C ASP C 334 -23.14 -8.84 -21.81
N GLN C 335 -21.92 -9.23 -22.20
CA GLN C 335 -21.27 -10.35 -21.56
C GLN C 335 -20.79 -10.01 -20.15
N ILE C 336 -20.36 -8.76 -19.93
CA ILE C 336 -20.03 -8.34 -18.58
C ILE C 336 -21.27 -8.29 -17.71
N ARG C 337 -22.39 -7.85 -18.28
CA ARG C 337 -23.66 -7.88 -17.55
C ARG C 337 -24.09 -9.31 -17.22
N ARG C 338 -23.85 -10.24 -18.14
CA ARG C 338 -24.19 -11.64 -17.89
C ARG C 338 -23.33 -12.24 -16.79
N MET C 339 -22.02 -11.98 -16.82
CA MET C 339 -21.15 -12.48 -15.77
C MET C 339 -21.42 -11.79 -14.44
N MET C 340 -21.89 -10.54 -14.47
CA MET C 340 -22.32 -9.86 -13.25
C MET C 340 -23.55 -10.53 -12.66
N GLU C 341 -24.58 -10.74 -13.49
CA GLU C 341 -25.83 -11.31 -13.00
C GLU C 341 -25.70 -12.79 -12.67
N THR C 342 -24.70 -13.49 -13.24
CA THR C 342 -24.48 -14.89 -12.92
C THR C 342 -24.15 -15.08 -11.44
N PHE C 343 -23.33 -14.19 -10.88
CA PHE C 343 -22.99 -14.26 -9.47
C PHE C 343 -23.93 -13.42 -8.61
N GLN C 344 -24.54 -12.38 -9.15
CA GLN C 344 -25.58 -11.68 -8.41
C GLN C 344 -26.76 -12.58 -8.09
N GLN C 345 -27.15 -13.43 -9.05
CA GLN C 345 -28.20 -14.40 -8.80
C GLN C 345 -27.80 -15.36 -7.68
N LEU C 346 -26.55 -15.80 -7.67
CA LEU C 346 -26.12 -16.76 -6.66
C LEU C 346 -26.06 -16.12 -5.28
N ILE C 347 -25.55 -14.90 -5.18
CA ILE C 347 -25.54 -14.20 -3.89
C ILE C 347 -26.95 -13.95 -3.40
N THR C 348 -27.84 -13.50 -4.29
CA THR C 348 -29.23 -13.26 -3.91
C THR C 348 -29.92 -14.54 -3.45
N TYR C 349 -29.70 -15.64 -4.18
CA TYR C 349 -30.34 -16.91 -3.83
C TYR C 349 -29.81 -17.45 -2.51
N LYS C 350 -28.50 -17.35 -2.29
CA LYS C 350 -27.92 -17.86 -1.06
C LYS C 350 -28.21 -16.97 0.13
N VAL C 351 -28.58 -15.71 -0.09
CA VAL C 351 -29.02 -14.85 1.01
C VAL C 351 -30.49 -15.11 1.33
N ILE C 352 -31.33 -15.24 0.31
CA ILE C 352 -32.75 -15.53 0.54
C ILE C 352 -32.92 -16.91 1.18
N SER C 353 -32.21 -17.91 0.67
CA SER C 353 -32.41 -19.28 1.10
C SER C 353 -31.78 -19.58 2.47
N ASN C 354 -30.84 -18.76 2.92
CA ASN C 354 -30.18 -18.97 4.20
C ASN C 354 -30.61 -17.89 5.18
N GLU C 355 -31.00 -18.31 6.39
CA GLU C 355 -31.46 -17.38 7.41
C GLU C 355 -30.24 -16.91 8.20
N PHE C 356 -30.03 -15.59 8.22
CA PHE C 356 -28.81 -15.00 8.75
C PHE C 356 -29.11 -14.15 9.97
N ASN C 357 -29.07 -14.77 11.15
CA ASN C 357 -29.10 -14.03 12.39
C ASN C 357 -27.67 -13.60 12.75
N SER C 358 -27.52 -12.92 13.88
CA SER C 358 -26.20 -12.43 14.28
C SER C 358 -25.25 -13.55 14.68
N ARG C 359 -25.75 -14.77 14.88
CA ARG C 359 -24.91 -15.91 15.18
C ARG C 359 -24.50 -16.70 13.94
N ASN C 360 -25.19 -16.50 12.82
CA ASN C 360 -24.87 -17.13 11.55
C ASN C 360 -24.74 -16.03 10.51
N LEU C 361 -23.51 -15.60 10.26
CA LEU C 361 -23.24 -14.43 9.43
C LEU C 361 -22.97 -14.84 7.99
N VAL C 362 -22.94 -13.83 7.11
CA VAL C 362 -22.55 -14.04 5.72
C VAL C 362 -21.06 -14.29 5.57
N ASN C 363 -20.28 -14.09 6.62
CA ASN C 363 -18.83 -14.22 6.52
C ASN C 363 -18.38 -15.68 6.50
N ASP C 364 -19.14 -16.58 7.14
CA ASP C 364 -18.79 -17.99 7.17
C ASP C 364 -19.61 -18.82 6.19
N ASP C 365 -20.35 -18.19 5.28
CA ASP C 365 -21.07 -18.90 4.22
C ASP C 365 -20.20 -18.86 2.98
N ASP C 366 -19.59 -20.01 2.65
CA ASP C 366 -18.60 -20.06 1.59
C ASP C 366 -19.19 -19.85 0.20
N ALA C 367 -20.49 -20.08 0.02
CA ALA C 367 -21.11 -19.84 -1.27
C ALA C 367 -21.14 -18.36 -1.61
N ILE C 368 -21.63 -17.53 -0.68
CA ILE C 368 -21.67 -16.09 -0.90
C ILE C 368 -20.27 -15.51 -0.95
N VAL C 369 -19.38 -15.98 -0.08
CA VAL C 369 -18.01 -15.46 -0.06
C VAL C 369 -17.30 -15.76 -1.37
N ALA C 370 -17.43 -16.99 -1.86
CA ALA C 370 -16.82 -17.36 -3.13
C ALA C 370 -17.46 -16.61 -4.29
N ALA C 371 -18.79 -16.45 -4.25
CA ALA C 371 -19.48 -15.75 -5.33
C ALA C 371 -19.06 -14.29 -5.41
N SER C 372 -18.92 -13.63 -4.27
CA SER C 372 -18.48 -12.23 -4.26
C SER C 372 -16.99 -12.09 -4.55
N LYS C 373 -16.17 -13.05 -4.12
CA LYS C 373 -14.75 -13.01 -4.44
C LYS C 373 -14.49 -13.36 -5.90
N CYS C 374 -15.45 -13.99 -6.57
CA CYS C 374 -15.40 -14.18 -8.01
C CYS C 374 -16.05 -13.04 -8.77
N LEU C 375 -17.00 -12.34 -8.14
CA LEU C 375 -17.58 -11.14 -8.71
C LEU C 375 -16.60 -9.97 -8.65
N LYS C 376 -15.63 -10.02 -7.73
CA LYS C 376 -14.56 -9.02 -7.72
C LYS C 376 -13.82 -9.02 -9.06
N MET C 377 -13.65 -10.19 -9.65
CA MET C 377 -13.01 -10.29 -10.96
C MET C 377 -13.84 -9.57 -12.02
N VAL C 378 -15.16 -9.75 -11.99
CA VAL C 378 -16.02 -9.08 -12.97
C VAL C 378 -16.03 -7.58 -12.74
N TYR C 379 -15.96 -7.14 -11.48
CA TYR C 379 -15.90 -5.72 -11.19
C TYR C 379 -14.62 -5.10 -11.73
N TYR C 380 -13.48 -5.78 -11.56
CA TYR C 380 -12.24 -5.22 -12.08
C TYR C 380 -12.15 -5.35 -13.59
N ALA C 381 -12.80 -6.36 -14.17
CA ALA C 381 -12.91 -6.42 -15.62
C ALA C 381 -13.75 -5.27 -16.17
N ASN C 382 -14.82 -4.93 -15.46
CA ASN C 382 -15.61 -3.76 -15.81
C ASN C 382 -14.79 -2.48 -15.70
N VAL C 383 -13.96 -2.38 -14.67
CA VAL C 383 -13.11 -1.21 -14.49
C VAL C 383 -12.10 -1.10 -15.63
N VAL C 384 -11.39 -2.19 -15.92
CA VAL C 384 -10.31 -2.15 -16.91
C VAL C 384 -10.87 -1.97 -18.31
N GLY C 385 -11.87 -2.77 -18.68
CA GLY C 385 -12.37 -2.75 -20.04
C GLY C 385 -13.22 -1.54 -20.35
N GLY C 386 -13.63 -0.80 -19.32
CA GLY C 386 -14.45 0.38 -19.51
C GLY C 386 -13.72 1.52 -20.21
N GLU C 394 -3.55 12.71 -16.26
CA GLU C 394 -4.15 13.63 -15.29
C GLU C 394 -4.12 13.04 -13.89
N GLU C 395 -3.34 13.66 -13.01
CA GLU C 395 -3.16 13.17 -11.66
C GLU C 395 -2.59 14.29 -10.81
N ASP C 396 -2.97 14.31 -9.54
CA ASP C 396 -2.55 15.37 -8.63
C ASP C 396 -1.18 15.07 -8.02
N ASP C 397 -0.74 15.97 -7.15
CA ASP C 397 0.57 15.90 -6.51
C ASP C 397 0.45 15.95 -4.98
N GLU C 398 0.30 14.77 -4.39
CA GLU C 398 -0.02 14.65 -2.97
C GLU C 398 1.19 14.90 -2.08
N GLU C 399 0.96 15.52 -0.93
CA GLU C 399 1.96 15.70 0.11
C GLU C 399 1.36 15.39 1.49
N PRO C 400 2.03 14.56 2.29
CA PRO C 400 1.49 14.16 3.59
C PRO C 400 1.83 15.17 4.68
N ILE C 401 1.44 14.82 5.91
CA ILE C 401 1.61 15.71 7.07
C ILE C 401 2.62 15.11 8.03
N PRO C 402 3.32 15.93 8.83
CA PRO C 402 4.28 15.40 9.79
C PRO C 402 3.62 15.06 11.13
N GLU C 403 4.47 14.67 12.09
CA GLU C 403 4.04 14.32 13.43
C GLU C 403 5.04 14.90 14.43
N SER C 404 4.61 15.07 15.68
CA SER C 404 5.43 15.77 16.67
C SER C 404 6.34 14.81 17.46
N SER C 405 5.74 13.85 18.17
CA SER C 405 6.50 12.94 19.01
C SER C 405 6.86 11.64 18.33
N GLU C 406 5.97 11.08 17.51
CA GLU C 406 6.25 9.86 16.79
C GLU C 406 7.30 10.04 15.71
N LEU C 407 7.54 11.29 15.28
CA LEU C 407 8.58 11.55 14.30
C LEU C 407 9.96 11.21 14.84
N THR C 408 10.21 11.50 16.13
CA THR C 408 11.47 11.12 16.73
C THR C 408 11.62 9.60 16.80
N LEU C 409 10.52 8.89 17.05
CA LEU C 409 10.57 7.43 17.00
C LEU C 409 10.89 6.94 15.59
N GLN C 410 10.32 7.58 14.57
CA GLN C 410 10.67 7.24 13.20
C GLN C 410 12.14 7.50 12.91
N GLU C 411 12.71 8.54 13.54
CA GLU C 411 14.16 8.74 13.42
C GLU C 411 14.92 7.61 14.10
N LEU C 412 14.43 7.14 15.24
CA LEU C 412 15.09 6.07 15.98
C LEU C 412 15.14 4.79 15.17
N LEU C 413 14.00 4.35 14.67
CA LEU C 413 13.94 3.08 13.97
C LEU C 413 14.63 3.11 12.61
N GLY C 414 14.87 4.29 12.07
CA GLY C 414 15.40 4.42 10.73
C GLY C 414 14.37 4.53 9.64
N GLU C 415 13.08 4.35 9.96
CA GLU C 415 12.00 4.57 9.00
C GLU C 415 11.68 6.06 8.95
N GLU C 416 12.53 6.78 8.26
CA GLU C 416 12.41 8.23 8.13
C GLU C 416 12.25 8.72 6.71
N ARG C 417 12.60 7.92 5.71
CA ARG C 417 12.53 8.35 4.32
C ARG C 417 11.10 8.62 3.89
N ARG C 418 10.28 7.58 3.82
CA ARG C 418 8.88 7.71 3.39
C ARG C 418 8.12 6.47 3.83
N ASN C 419 7.13 6.64 4.68
CA ASN C 419 6.33 5.51 5.14
C ASN C 419 5.18 5.24 4.16
N LYS C 420 4.60 4.06 4.29
CA LYS C 420 3.51 3.62 3.43
C LYS C 420 2.19 3.64 4.19
N LYS C 421 1.10 3.79 3.45
CA LYS C 421 -0.23 3.85 4.03
C LYS C 421 -1.24 3.32 3.04
N GLY C 422 -2.19 2.52 3.54
CA GLY C 422 -3.26 2.02 2.71
C GLY C 422 -3.45 0.52 2.80
N PRO C 423 -4.67 0.11 3.16
CA PRO C 423 -5.02 -1.32 3.13
C PRO C 423 -5.38 -1.80 1.73
N ARG C 424 -4.96 -1.06 0.69
CA ARG C 424 -5.30 -1.24 -0.71
C ARG C 424 -5.28 -2.70 -1.17
N VAL C 425 -6.19 -3.04 -2.09
CA VAL C 425 -6.49 -4.44 -2.39
C VAL C 425 -5.29 -5.19 -2.94
N ASP C 426 -5.29 -6.51 -2.73
CA ASP C 426 -4.29 -7.38 -3.35
C ASP C 426 -4.34 -7.37 -4.87
N PRO C 427 -5.51 -7.52 -5.56
CA PRO C 427 -5.46 -7.57 -7.03
C PRO C 427 -5.29 -6.22 -7.68
N LEU C 428 -4.33 -5.43 -7.19
CA LEU C 428 -4.01 -4.15 -7.78
C LEU C 428 -2.50 -4.00 -7.78
N GLU C 429 -2.00 -3.16 -8.70
CA GLU C 429 -0.63 -3.02 -9.17
C GLU C 429 -0.19 -4.21 -10.03
N THR C 430 -1.02 -5.24 -10.16
CA THR C 430 -0.87 -6.19 -11.25
C THR C 430 -1.42 -5.62 -12.55
N GLU C 431 -2.40 -4.72 -12.45
CA GLU C 431 -2.95 -4.00 -13.59
C GLU C 431 -3.47 -2.66 -13.09
N LEU C 432 -3.96 -1.84 -14.02
CA LEU C 432 -4.55 -0.56 -13.64
C LEU C 432 -6.03 -0.72 -13.32
N CYS C 439 -10.27 4.88 -11.38
CA CYS C 439 -9.76 6.09 -12.01
C CYS C 439 -10.48 6.39 -13.33
N ARG C 440 -10.84 5.35 -14.06
CA ARG C 440 -11.46 5.54 -15.37
C ARG C 440 -12.97 5.32 -15.32
N LYS C 441 -13.64 5.50 -16.46
CA LYS C 441 -15.08 5.30 -16.64
C LYS C 441 -15.32 3.82 -16.94
N PRO C 442 -16.39 3.21 -16.41
CA PRO C 442 -16.57 1.76 -16.60
C PRO C 442 -17.34 1.41 -17.86
N LEU C 443 -17.48 0.11 -18.10
CA LEU C 443 -18.32 -0.40 -19.16
C LEU C 443 -19.76 -0.62 -18.71
N ILE C 444 -19.95 -1.08 -17.48
CA ILE C 444 -21.26 -1.20 -16.82
C ILE C 444 -21.21 -0.26 -15.62
N PRO C 445 -22.29 0.47 -15.31
CA PRO C 445 -22.26 1.40 -14.17
C PRO C 445 -21.94 0.69 -12.86
N PHE C 446 -21.23 1.40 -11.98
CA PHE C 446 -20.75 0.84 -10.73
C PHE C 446 -21.86 0.58 -9.72
N GLU C 447 -23.07 1.12 -9.94
CA GLU C 447 -24.18 0.85 -9.04
C GLU C 447 -24.73 -0.55 -9.22
N GLU C 448 -24.49 -1.16 -10.38
CA GLU C 448 -25.05 -2.48 -10.65
C GLU C 448 -24.48 -3.57 -9.75
N PHE C 449 -23.29 -3.37 -9.19
CA PHE C 449 -22.71 -4.35 -8.30
C PHE C 449 -23.22 -4.24 -6.87
N ILE C 450 -24.01 -3.22 -6.55
CA ILE C 450 -24.49 -3.04 -5.18
C ILE C 450 -25.55 -4.08 -4.90
N ASN C 451 -25.17 -5.16 -4.24
CA ASN C 451 -26.07 -6.28 -3.98
C ASN C 451 -26.96 -5.92 -2.81
N GLU C 452 -28.18 -5.46 -3.11
CA GLU C 452 -29.10 -5.05 -2.06
C GLU C 452 -29.54 -6.17 -1.13
N PRO C 453 -29.91 -7.38 -1.59
CA PRO C 453 -30.29 -8.43 -0.62
C PRO C 453 -29.18 -8.82 0.34
N LEU C 454 -27.92 -8.75 -0.08
CA LEU C 454 -26.83 -9.02 0.85
C LEU C 454 -26.62 -7.84 1.81
N ASN C 455 -26.77 -6.61 1.31
CA ASN C 455 -26.49 -5.44 2.11
C ASN C 455 -27.48 -5.23 3.25
N GLU C 456 -28.60 -5.95 3.25
CA GLU C 456 -29.56 -5.89 4.34
C GLU C 456 -29.43 -7.08 5.30
N VAL C 457 -28.46 -7.96 5.09
CA VAL C 457 -28.16 -9.03 6.03
C VAL C 457 -26.72 -8.95 6.55
N LEU C 458 -25.96 -7.96 6.12
CA LEU C 458 -24.61 -7.74 6.65
C LEU C 458 -24.67 -7.28 8.09
N GLU C 459 -23.52 -7.33 8.76
CA GLU C 459 -23.35 -6.83 10.12
C GLU C 459 -22.01 -6.11 10.15
N MET C 460 -22.02 -4.80 9.89
CA MET C 460 -20.78 -4.04 9.84
C MET C 460 -20.13 -3.88 11.20
N ASP C 461 -20.91 -4.04 12.29
CA ASP C 461 -20.31 -4.13 13.61
C ASP C 461 -19.34 -5.31 13.68
N LYS C 462 -19.73 -6.45 13.12
CA LYS C 462 -18.86 -7.62 13.07
C LYS C 462 -17.99 -7.65 11.83
N ASP C 463 -18.43 -7.01 10.74
CA ASP C 463 -17.65 -7.01 9.51
C ASP C 463 -16.42 -6.11 9.64
N TYR C 464 -16.54 -5.00 10.36
CA TYR C 464 -15.39 -4.14 10.59
C TYR C 464 -14.33 -4.84 11.42
N THR C 465 -14.75 -5.73 12.32
CA THR C 465 -13.79 -6.52 13.09
C THR C 465 -12.91 -7.34 12.16
N PHE C 466 -13.53 -8.11 11.25
CA PHE C 466 -12.76 -8.91 10.31
C PHE C 466 -12.06 -8.08 9.25
N PHE C 467 -12.40 -6.80 9.12
CA PHE C 467 -11.64 -5.90 8.28
C PHE C 467 -10.39 -5.35 8.97
N LYS C 468 -10.44 -5.09 10.27
CA LYS C 468 -9.29 -4.54 10.97
C LYS C 468 -8.42 -5.61 11.65
N VAL C 469 -8.97 -6.79 11.95
CA VAL C 469 -8.19 -7.93 12.40
C VAL C 469 -8.62 -9.13 11.57
N GLU C 470 -7.65 -9.76 10.89
CA GLU C 470 -7.94 -10.71 9.81
C GLU C 470 -8.11 -12.11 10.38
N THR C 471 -9.37 -12.51 10.58
CA THR C 471 -9.72 -13.85 11.00
C THR C 471 -9.72 -14.78 9.78
N GLU C 472 -9.28 -16.02 10.01
CA GLU C 472 -9.02 -16.97 8.92
C GLU C 472 -10.26 -17.32 8.09
N ASN C 473 -11.22 -18.00 8.70
CA ASN C 473 -12.43 -18.43 7.98
C ASN C 473 -13.58 -17.45 8.17
N LYS C 474 -13.30 -16.17 7.99
CA LYS C 474 -14.32 -15.12 8.13
C LYS C 474 -13.98 -14.03 7.13
N PHE C 475 -14.77 -13.92 6.07
CA PHE C 475 -14.52 -12.94 5.04
C PHE C 475 -15.01 -11.57 5.46
N SER C 476 -14.24 -10.55 5.14
CA SER C 476 -14.56 -9.17 5.48
C SER C 476 -15.06 -8.47 4.23
N PHE C 477 -16.35 -8.13 4.21
CA PHE C 477 -16.93 -7.53 3.03
C PHE C 477 -16.66 -6.03 2.98
N MET C 478 -15.41 -5.63 3.18
CA MET C 478 -14.88 -4.38 2.65
C MET C 478 -13.65 -4.60 1.81
N THR C 479 -13.12 -5.82 1.76
CA THR C 479 -12.13 -6.16 0.75
C THR C 479 -12.74 -6.07 -0.64
N CYS C 480 -14.01 -6.46 -0.77
CA CYS C 480 -14.84 -6.15 -1.93
C CYS C 480 -15.88 -5.13 -1.50
N PRO C 481 -15.56 -3.83 -1.55
CA PRO C 481 -16.52 -2.81 -1.13
C PRO C 481 -17.49 -2.36 -2.21
N PHE C 482 -17.33 -2.83 -3.45
CA PHE C 482 -18.23 -2.40 -4.52
C PHE C 482 -19.63 -2.98 -4.36
N ILE C 483 -19.81 -3.96 -3.48
CA ILE C 483 -21.13 -4.55 -3.24
C ILE C 483 -21.76 -3.91 -2.01
N LEU C 484 -21.13 -2.87 -1.49
CA LEU C 484 -21.58 -2.21 -0.27
C LEU C 484 -22.46 -1.02 -0.61
N ASN C 485 -23.63 -0.96 0.02
CA ASN C 485 -24.56 0.15 -0.16
C ASN C 485 -23.98 1.43 0.43
N ALA C 486 -24.70 2.53 0.24
CA ALA C 486 -24.28 3.80 0.81
C ALA C 486 -24.35 3.77 2.33
N VAL C 487 -25.44 3.25 2.88
CA VAL C 487 -25.58 3.16 4.34
C VAL C 487 -24.53 2.20 4.91
N THR C 488 -24.19 1.15 4.15
CA THR C 488 -23.23 0.17 4.66
C THR C 488 -21.81 0.73 4.68
N LYS C 489 -21.42 1.42 3.60
CA LYS C 489 -20.11 2.07 3.57
C LYS C 489 -20.01 3.15 4.65
N ASN C 490 -21.07 3.95 4.80
CA ASN C 490 -21.08 4.99 5.83
C ASN C 490 -21.01 4.39 7.22
N LEU C 491 -21.67 3.24 7.42
CA LEU C 491 -21.61 2.55 8.70
C LEU C 491 -20.20 2.07 9.01
N GLY C 492 -19.52 1.48 8.03
CA GLY C 492 -18.16 1.03 8.23
C GLY C 492 -17.21 2.19 8.53
N LEU C 493 -17.34 3.29 7.79
CA LEU C 493 -16.52 4.46 8.05
C LEU C 493 -16.81 5.04 9.42
N TYR C 494 -18.08 5.01 9.85
CA TYR C 494 -18.45 5.51 11.16
C TYR C 494 -17.80 4.68 12.26
N TYR C 495 -17.79 3.36 12.10
CA TYR C 495 -17.13 2.51 13.11
C TYR C 495 -15.63 2.76 13.14
N ASP C 496 -15.01 2.93 11.97
CA ASP C 496 -13.57 3.21 11.93
C ASP C 496 -13.24 4.54 12.61
N ASN C 497 -14.01 5.57 12.32
CA ASN C 497 -13.75 6.90 12.86
C ASN C 497 -14.19 7.06 14.31
N ARG C 498 -15.00 6.14 14.84
CA ARG C 498 -15.21 6.10 16.28
C ARG C 498 -14.15 5.31 17.01
N ILE C 499 -13.62 4.24 16.38
CA ILE C 499 -12.50 3.52 16.99
C ILE C 499 -11.27 4.41 17.09
N ARG C 500 -11.06 5.27 16.08
CA ARG C 500 -9.95 6.22 16.15
C ARG C 500 -10.13 7.21 17.30
N MET C 501 -11.36 7.68 17.53
CA MET C 501 -11.64 8.57 18.64
C MET C 501 -11.36 7.89 19.97
N TYR C 502 -11.76 6.61 20.09
CA TYR C 502 -11.49 5.88 21.31
C TYR C 502 -9.99 5.65 21.52
N SER C 503 -9.23 5.48 20.43
CA SER C 503 -7.78 5.36 20.55
C SER C 503 -7.16 6.66 21.04
N GLU C 504 -7.63 7.81 20.53
CA GLU C 504 -7.09 9.08 21.01
C GLU C 504 -7.48 9.35 22.46
N ARG C 505 -8.69 8.95 22.85
CA ARG C 505 -9.09 9.04 24.25
C ARG C 505 -8.18 8.19 25.13
N ARG C 506 -7.86 6.97 24.69
CA ARG C 506 -6.95 6.12 25.46
C ARG C 506 -5.54 6.69 25.51
N ILE C 507 -5.10 7.34 24.42
CA ILE C 507 -3.79 7.99 24.41
C ILE C 507 -3.73 9.08 25.47
N THR C 508 -4.78 9.90 25.56
CA THR C 508 -4.80 10.94 26.59
C THR C 508 -4.92 10.34 27.98
N VAL C 509 -5.58 9.19 28.11
CA VAL C 509 -5.60 8.51 29.41
C VAL C 509 -4.20 8.08 29.82
N LEU C 510 -3.42 7.53 28.87
CA LEU C 510 -2.03 7.17 29.18
C LEU C 510 -1.21 8.38 29.57
N TYR C 511 -1.37 9.49 28.83
CA TYR C 511 -0.65 10.71 29.16
C TYR C 511 -1.03 11.21 30.56
N SER C 512 -2.30 11.03 30.94
CA SER C 512 -2.69 11.34 32.31
C SER C 512 -2.07 10.40 33.31
N LEU C 513 -1.78 9.16 32.90
CA LEU C 513 -1.29 8.16 33.85
C LEU C 513 0.19 8.36 34.16
N VAL C 514 1.05 8.25 33.15
CA VAL C 514 2.49 8.20 33.38
C VAL C 514 3.06 9.59 33.63
N GLN C 515 2.96 10.46 32.62
CA GLN C 515 3.60 11.77 32.70
C GLN C 515 2.88 12.74 33.63
N GLY C 516 1.64 12.47 33.99
CA GLY C 516 0.87 13.40 34.77
C GLY C 516 0.31 14.58 33.99
N GLN C 517 0.52 14.61 32.69
CA GLN C 517 -0.01 15.68 31.85
C GLN C 517 -1.54 15.59 31.80
N GLN C 518 -2.17 16.73 31.57
CA GLN C 518 -3.60 16.79 31.32
C GLN C 518 -3.81 17.21 29.87
N LEU C 519 -4.47 16.35 29.10
CA LEU C 519 -4.72 16.59 27.70
C LEU C 519 -6.22 16.53 27.41
N ASN C 520 -6.66 17.42 26.55
CA ASN C 520 -8.07 17.48 26.19
C ASN C 520 -8.43 16.30 25.30
N PRO C 521 -9.42 15.48 25.66
CA PRO C 521 -9.78 14.34 24.81
C PRO C 521 -10.58 14.71 23.57
N TYR C 522 -11.03 15.96 23.45
CA TYR C 522 -11.77 16.44 22.30
C TYR C 522 -10.98 17.51 21.57
N LEU C 523 -11.39 17.78 20.33
CA LEU C 523 -10.86 18.91 19.56
C LEU C 523 -11.66 20.15 19.95
N ARG C 524 -11.42 20.59 21.18
CA ARG C 524 -12.31 21.57 21.82
C ARG C 524 -12.01 22.95 21.27
N LEU C 525 -12.82 23.38 20.30
CA LEU C 525 -12.75 24.74 19.81
C LEU C 525 -13.51 25.68 20.75
N LYS C 526 -13.30 26.98 20.53
CA LYS C 526 -14.10 27.99 21.20
C LYS C 526 -14.14 29.20 20.27
N VAL C 527 -15.21 29.32 19.51
CA VAL C 527 -15.34 30.34 18.48
C VAL C 527 -16.40 31.35 18.92
N ARG C 528 -16.07 32.63 18.84
CA ARG C 528 -17.06 33.68 19.03
C ARG C 528 -18.00 33.71 17.83
N ARG C 529 -19.31 33.77 18.09
CA ARG C 529 -20.28 33.64 17.01
C ARG C 529 -20.21 34.80 16.03
N ASP C 530 -19.76 35.97 16.49
CA ASP C 530 -19.63 37.13 15.60
C ASP C 530 -18.50 36.96 14.59
N HIS C 531 -17.54 36.08 14.85
CA HIS C 531 -16.41 35.86 13.96
C HIS C 531 -16.10 34.36 13.96
N ILE C 532 -16.60 33.65 12.95
CA ILE C 532 -16.42 32.20 12.88
C ILE C 532 -15.13 31.83 12.16
N ILE C 533 -14.86 32.48 11.01
CA ILE C 533 -13.61 32.22 10.31
C ILE C 533 -12.43 32.74 11.12
N ASP C 534 -12.53 33.97 11.62
CA ASP C 534 -11.40 34.60 12.29
C ASP C 534 -11.05 33.91 13.60
N ASP C 535 -12.01 33.22 14.23
CA ASP C 535 -11.77 32.55 15.50
C ASP C 535 -11.71 31.03 15.38
N ALA C 536 -12.01 30.46 14.22
CA ALA C 536 -11.75 29.06 13.98
C ALA C 536 -10.45 28.82 13.23
N LEU C 537 -10.07 29.76 12.37
CA LEU C 537 -8.81 29.62 11.63
C LEU C 537 -7.61 29.65 12.56
N VAL C 538 -7.62 30.54 13.55
CA VAL C 538 -6.46 30.64 14.45
C VAL C 538 -6.36 29.42 15.35
N ARG C 539 -7.50 28.94 15.86
CA ARG C 539 -7.49 27.73 16.68
C ARG C 539 -7.04 26.52 15.87
N LEU C 540 -7.53 26.39 14.64
CA LEU C 540 -7.13 25.26 13.80
C LEU C 540 -5.67 25.37 13.40
N GLU C 541 -5.16 26.58 13.21
CA GLU C 541 -3.73 26.77 12.93
C GLU C 541 -2.89 26.34 14.11
N MET C 542 -3.27 26.76 15.32
CA MET C 542 -2.52 26.39 16.51
C MET C 542 -2.52 24.88 16.71
N ILE C 543 -3.68 24.24 16.55
CA ILE C 543 -3.76 22.79 16.73
C ILE C 543 -3.00 22.08 15.62
N ALA C 544 -3.06 22.60 14.39
CA ALA C 544 -2.32 22.00 13.28
C ALA C 544 -0.81 22.11 13.47
N MET C 545 -0.34 23.15 14.16
CA MET C 545 1.09 23.27 14.42
C MET C 545 1.52 22.38 15.58
N GLU C 546 0.94 22.58 16.77
CA GLU C 546 1.49 21.94 17.96
C GLU C 546 1.19 20.44 17.99
N ASN C 547 -0.05 20.05 17.68
CA ASN C 547 -0.48 18.65 17.74
C ASN C 547 -1.23 18.30 16.47
N PRO C 548 -0.52 17.94 15.40
CA PRO C 548 -1.22 17.62 14.13
C PRO C 548 -2.21 16.50 14.25
N ALA C 549 -1.93 15.48 15.06
CA ALA C 549 -2.89 14.41 15.31
C ALA C 549 -3.73 14.71 16.54
N ASP C 550 -4.27 15.92 16.60
CA ASP C 550 -5.30 16.29 17.55
C ASP C 550 -6.63 16.59 16.87
N LEU C 551 -6.61 16.80 15.55
CA LEU C 551 -7.81 16.94 14.74
C LEU C 551 -8.53 15.61 14.56
N LYS C 552 -7.93 14.51 15.00
CA LYS C 552 -8.55 13.19 14.95
C LYS C 552 -9.18 12.82 16.30
N LYS C 553 -9.68 13.79 17.02
CA LYS C 553 -10.49 13.61 18.22
C LYS C 553 -11.93 14.03 17.93
N GLN C 554 -12.81 13.84 18.90
CA GLN C 554 -14.18 14.30 18.77
C GLN C 554 -14.20 15.81 18.72
N LEU C 555 -14.94 16.37 17.77
CA LEU C 555 -15.02 17.83 17.67
C LEU C 555 -15.97 18.36 18.72
N TYR C 556 -15.48 19.29 19.53
CA TYR C 556 -16.31 20.06 20.45
C TYR C 556 -16.12 21.51 20.09
N VAL C 557 -17.18 22.17 19.64
CA VAL C 557 -17.05 23.55 19.23
C VAL C 557 -18.16 24.41 19.84
N GLU C 558 -17.88 25.00 21.00
CA GLU C 558 -18.82 25.82 21.73
C GLU C 558 -18.56 27.29 21.48
N PHE C 559 -19.61 28.09 21.59
CA PHE C 559 -19.49 29.52 21.37
C PHE C 559 -19.29 30.25 22.68
N GLU C 560 -18.57 31.37 22.63
CA GLU C 560 -18.43 32.22 23.79
C GLU C 560 -19.71 32.99 24.04
N GLY C 561 -19.93 33.34 25.31
CA GLY C 561 -21.12 34.05 25.70
C GLY C 561 -22.34 33.19 25.94
N GLU C 562 -22.23 31.89 25.75
CA GLU C 562 -23.34 30.97 25.97
C GLU C 562 -22.78 29.60 26.33
N GLN C 563 -23.46 28.91 27.25
CA GLN C 563 -23.01 27.63 27.77
C GLN C 563 -23.91 26.52 27.21
N GLY C 564 -23.34 25.69 26.35
CA GLY C 564 -24.07 24.59 25.78
C GLY C 564 -23.34 23.27 25.84
N VAL C 565 -24.04 22.21 26.28
CA VAL C 565 -23.48 20.86 26.25
C VAL C 565 -23.62 20.32 24.83
N ASP C 566 -22.50 19.89 24.25
CA ASP C 566 -22.45 19.48 22.84
C ASP C 566 -22.91 18.03 22.75
N GLU C 567 -24.19 17.84 22.48
CA GLU C 567 -24.73 16.52 22.18
C GLU C 567 -24.67 16.20 20.70
N GLY C 568 -24.12 17.11 19.89
CA GLY C 568 -24.07 16.98 18.44
C GLY C 568 -24.68 18.17 17.71
N GLY C 569 -25.71 18.78 18.30
CA GLY C 569 -26.36 19.90 17.65
C GLY C 569 -25.50 21.14 17.55
N VAL C 570 -24.64 21.37 18.55
CA VAL C 570 -23.81 22.58 18.56
C VAL C 570 -22.75 22.50 17.46
N SER C 571 -22.17 21.31 17.27
CA SER C 571 -21.24 21.11 16.15
C SER C 571 -21.96 21.29 14.83
N LYS C 572 -23.21 20.81 14.72
CA LYS C 572 -24.00 21.03 13.53
C LYS C 572 -24.16 22.52 13.25
N GLU C 573 -24.54 23.28 14.28
CA GLU C 573 -24.76 24.72 14.14
C GLU C 573 -23.50 25.44 13.69
N PHE C 574 -22.36 25.06 14.26
CA PHE C 574 -21.09 25.56 13.78
C PHE C 574 -20.89 25.23 12.31
N PHE C 575 -21.37 24.06 11.88
CA PHE C 575 -21.15 23.66 10.50
C PHE C 575 -21.98 24.48 9.52
N GLN C 576 -23.28 24.72 9.80
CA GLN C 576 -23.99 25.56 8.83
C GLN C 576 -23.56 27.01 8.93
N LEU C 577 -23.09 27.45 10.11
CA LEU C 577 -22.51 28.79 10.18
C LEU C 577 -21.29 28.92 9.29
N VAL C 578 -20.42 27.90 9.30
CA VAL C 578 -19.25 27.91 8.44
C VAL C 578 -19.66 27.89 6.98
N VAL C 579 -20.60 27.01 6.61
CA VAL C 579 -20.97 26.90 5.20
C VAL C 579 -21.68 28.17 4.73
N GLU C 580 -22.38 28.85 5.65
CA GLU C 580 -22.97 30.14 5.32
C GLU C 580 -21.89 31.18 5.05
N GLU C 581 -20.94 31.33 5.96
CA GLU C 581 -20.01 32.45 5.88
C GLU C 581 -18.88 32.22 4.88
N ILE C 582 -18.44 30.98 4.68
CA ILE C 582 -17.44 30.67 3.65
C ILE C 582 -18.00 30.93 2.26
N PHE C 583 -19.23 30.52 2.01
CA PHE C 583 -19.76 30.52 0.66
C PHE C 583 -20.50 31.79 0.31
N ASN C 584 -20.50 32.78 1.19
CA ASN C 584 -21.09 34.08 0.90
C ASN C 584 -20.28 34.80 -0.18
N PRO C 585 -20.91 35.71 -0.93
CA PRO C 585 -20.16 36.50 -1.91
C PRO C 585 -19.34 37.62 -1.31
N ASP C 586 -19.55 37.95 -0.02
CA ASP C 586 -18.80 39.05 0.57
C ASP C 586 -17.36 38.66 0.87
N ILE C 587 -17.13 37.42 1.29
CA ILE C 587 -15.77 36.96 1.53
C ILE C 587 -15.02 36.75 0.22
N GLY C 588 -15.75 36.56 -0.88
CA GLY C 588 -15.14 36.49 -2.19
C GLY C 588 -14.25 35.29 -2.42
N MET C 589 -14.67 34.12 -1.94
CA MET C 589 -13.88 32.90 -2.06
C MET C 589 -14.45 31.92 -3.07
N PHE C 590 -15.78 31.79 -3.12
CA PHE C 590 -16.46 30.93 -4.08
C PHE C 590 -17.47 31.74 -4.87
N THR C 591 -17.51 31.47 -6.18
CA THR C 591 -18.53 32.02 -7.06
C THR C 591 -19.64 30.98 -7.22
N TYR C 592 -20.83 31.46 -7.54
CA TYR C 592 -22.03 30.64 -7.49
C TYR C 592 -22.69 30.65 -8.86
N ASP C 593 -22.50 29.57 -9.63
CA ASP C 593 -23.16 29.40 -10.91
C ASP C 593 -24.63 29.18 -10.64
N GLU C 594 -25.45 30.21 -10.89
CA GLU C 594 -26.88 30.14 -10.63
C GLU C 594 -27.62 29.33 -11.69
N SER C 595 -27.05 29.17 -12.87
CA SER C 595 -27.67 28.33 -13.89
C SER C 595 -27.62 26.86 -13.49
N THR C 596 -26.62 26.46 -12.71
CA THR C 596 -26.53 25.12 -12.16
C THR C 596 -26.55 25.09 -10.64
N LYS C 597 -26.57 26.25 -9.99
CA LYS C 597 -26.59 26.37 -8.53
C LYS C 597 -25.40 25.64 -7.90
N LEU C 598 -24.22 25.85 -8.46
CA LEU C 598 -23.03 25.15 -8.03
C LEU C 598 -21.93 26.12 -7.62
N PHE C 599 -21.20 25.78 -6.56
CA PHE C 599 -20.16 26.63 -5.99
C PHE C 599 -18.81 26.22 -6.54
N TRP C 600 -18.14 27.13 -7.24
CA TRP C 600 -16.81 26.87 -7.79
C TRP C 600 -15.84 27.95 -7.35
N PHE C 601 -14.58 27.57 -7.19
CA PHE C 601 -13.55 28.44 -6.64
C PHE C 601 -13.37 29.70 -7.49
N ASN C 602 -12.85 30.74 -6.85
CA ASN C 602 -12.62 32.00 -7.54
C ASN C 602 -11.18 32.06 -8.01
N PRO C 603 -10.94 32.29 -9.31
CA PRO C 603 -9.55 32.43 -9.78
C PRO C 603 -8.88 33.71 -9.30
N SER C 604 -9.65 34.71 -8.86
CA SER C 604 -9.12 36.00 -8.45
C SER C 604 -9.21 36.22 -6.94
N SER C 605 -9.15 35.14 -6.16
CA SER C 605 -9.15 35.23 -4.71
C SER C 605 -7.73 35.02 -4.20
N PHE C 606 -7.18 36.04 -3.55
CA PHE C 606 -5.82 36.00 -3.03
C PHE C 606 -5.81 36.27 -1.53
N GLU C 607 -4.73 35.82 -0.89
CA GLU C 607 -4.48 36.01 0.54
C GLU C 607 -5.56 35.39 1.42
N THR C 608 -6.20 34.34 0.91
CA THR C 608 -7.21 33.60 1.66
C THR C 608 -6.84 32.12 1.77
N GLU C 609 -5.55 31.82 1.56
CA GLU C 609 -5.07 30.44 1.51
C GLU C 609 -5.37 29.71 2.82
N GLY C 610 -5.20 30.39 3.95
CA GLY C 610 -5.59 29.81 5.22
C GLY C 610 -7.07 29.50 5.31
N GLN C 611 -7.91 30.33 4.69
CA GLN C 611 -9.35 30.09 4.76
C GLN C 611 -9.78 28.94 3.86
N PHE C 612 -9.11 28.74 2.72
CA PHE C 612 -9.37 27.55 1.93
C PHE C 612 -8.91 26.30 2.66
N THR C 613 -7.79 26.38 3.39
CA THR C 613 -7.40 25.29 4.26
C THR C 613 -8.45 25.05 5.34
N LEU C 614 -9.07 26.13 5.84
CA LEU C 614 -10.12 26.01 6.84
C LEU C 614 -11.32 25.25 6.29
N ILE C 615 -11.76 25.58 5.07
CA ILE C 615 -12.93 24.88 4.54
C ILE C 615 -12.58 23.43 4.18
N GLY C 616 -11.33 23.18 3.77
CA GLY C 616 -10.90 21.79 3.62
C GLY C 616 -10.97 21.01 4.92
N ILE C 617 -10.51 21.62 6.02
CA ILE C 617 -10.59 20.98 7.32
C ILE C 617 -12.04 20.83 7.76
N VAL C 618 -12.90 21.76 7.38
CA VAL C 618 -14.32 21.66 7.72
C VAL C 618 -14.94 20.45 7.05
N LEU C 619 -14.65 20.23 5.77
CA LEU C 619 -15.13 19.02 5.11
C LEU C 619 -14.53 17.76 5.74
N GLY C 620 -13.25 17.80 6.10
CA GLY C 620 -12.63 16.62 6.69
C GLY C 620 -13.25 16.25 8.03
N LEU C 621 -13.43 17.24 8.90
CA LEU C 621 -14.09 17.00 10.19
C LEU C 621 -15.55 16.64 9.99
N ALA C 622 -16.17 17.16 8.94
CA ALA C 622 -17.56 16.83 8.63
C ALA C 622 -17.71 15.35 8.32
N ILE C 623 -16.85 14.84 7.43
CA ILE C 623 -16.87 13.41 7.11
C ILE C 623 -16.52 12.59 8.35
N TYR C 624 -15.52 13.05 9.11
CA TYR C 624 -14.94 12.31 10.22
C TYR C 624 -15.98 11.93 11.27
N ASN C 625 -16.58 12.91 11.92
CA ASN C 625 -17.53 12.64 13.01
C ASN C 625 -18.99 12.74 12.58
N ASN C 626 -19.34 12.14 11.45
CA ASN C 626 -20.74 11.89 11.05
C ASN C 626 -21.59 13.17 11.02
N CYS C 627 -21.20 14.10 10.15
CA CYS C 627 -21.94 15.34 9.98
C CYS C 627 -22.27 15.58 8.52
N ILE C 628 -23.50 15.99 8.25
CA ILE C 628 -23.98 16.23 6.88
C ILE C 628 -24.18 17.72 6.69
N LEU C 629 -23.73 18.23 5.54
CA LEU C 629 -23.68 19.64 5.20
C LEU C 629 -24.49 19.91 3.95
N ASP C 630 -24.43 21.16 3.48
CA ASP C 630 -25.04 21.57 2.22
C ASP C 630 -23.98 22.32 1.43
N VAL C 631 -23.16 21.57 0.70
CA VAL C 631 -22.15 22.13 -0.18
C VAL C 631 -22.50 21.75 -1.61
N HIS C 632 -22.65 22.76 -2.46
CA HIS C 632 -22.95 22.54 -3.86
C HIS C 632 -21.67 22.68 -4.69
N PHE C 633 -20.83 21.67 -4.57
CA PHE C 633 -19.59 21.54 -5.31
C PHE C 633 -19.80 20.66 -6.53
N PRO C 634 -19.20 20.99 -7.67
CA PRO C 634 -19.24 20.07 -8.82
C PRO C 634 -18.45 18.80 -8.51
N MET C 635 -18.68 17.77 -9.32
CA MET C 635 -17.99 16.51 -9.10
C MET C 635 -16.49 16.61 -9.39
N VAL C 636 -16.07 17.61 -10.16
CA VAL C 636 -14.64 17.81 -10.37
C VAL C 636 -13.96 18.15 -9.06
N VAL C 637 -14.67 18.77 -8.11
CA VAL C 637 -14.11 19.02 -6.79
C VAL C 637 -13.91 17.71 -6.05
N TYR C 638 -14.91 16.83 -6.09
CA TYR C 638 -14.79 15.57 -5.38
C TYR C 638 -13.87 14.58 -6.08
N ARG C 639 -13.41 14.86 -7.30
CA ARG C 639 -12.34 14.02 -7.83
C ARG C 639 -10.98 14.65 -7.60
N LYS C 640 -10.87 15.97 -7.73
CA LYS C 640 -9.61 16.67 -7.46
C LYS C 640 -9.20 16.55 -5.99
N LEU C 641 -10.13 16.25 -5.10
CA LEU C 641 -9.77 15.95 -3.72
C LEU C 641 -9.04 14.63 -3.62
N MET C 642 -9.48 13.63 -4.40
CA MET C 642 -8.95 12.28 -4.26
C MET C 642 -7.62 12.08 -4.97
N GLY C 643 -7.23 12.99 -5.85
CA GLY C 643 -5.91 12.91 -6.45
C GLY C 643 -5.93 12.86 -7.96
N LYS C 644 -7.07 13.14 -8.58
CA LYS C 644 -7.20 13.12 -10.02
C LYS C 644 -7.59 14.50 -10.51
N LYS C 645 -6.80 15.07 -11.42
CA LYS C 645 -7.12 16.36 -12.00
C LYS C 645 -8.39 16.25 -12.84
N GLY C 646 -8.91 17.41 -13.23
CA GLY C 646 -10.15 17.48 -13.97
C GLY C 646 -9.89 17.64 -15.47
N THR C 647 -10.62 16.86 -16.25
CA THR C 647 -10.49 16.82 -17.69
C THR C 647 -11.59 17.67 -18.31
N PHE C 648 -11.44 17.99 -19.60
CA PHE C 648 -12.45 18.75 -20.34
C PHE C 648 -13.81 18.08 -20.29
N ARG C 649 -13.85 16.75 -20.22
CA ARG C 649 -15.11 16.02 -20.15
C ARG C 649 -15.92 16.38 -18.91
N ASP C 650 -15.30 16.99 -17.90
CA ASP C 650 -16.01 17.40 -16.70
C ASP C 650 -16.01 18.92 -16.59
N LEU C 651 -15.95 19.63 -17.72
CA LEU C 651 -16.36 21.03 -17.73
C LEU C 651 -17.86 21.20 -17.85
N GLY C 652 -18.61 20.12 -18.09
CA GLY C 652 -20.05 20.21 -18.18
C GLY C 652 -20.74 20.47 -16.88
N ASP C 653 -20.08 20.21 -15.75
CA ASP C 653 -20.67 20.45 -14.44
C ASP C 653 -20.33 21.83 -13.92
N SER C 654 -19.05 22.19 -13.92
CA SER C 654 -18.61 23.45 -13.33
C SER C 654 -19.07 24.64 -14.17
N HIS C 655 -18.60 24.70 -15.43
CA HIS C 655 -18.87 25.83 -16.33
C HIS C 655 -19.57 25.30 -17.56
N PRO C 656 -20.89 25.21 -17.56
CA PRO C 656 -21.61 24.63 -18.71
C PRO C 656 -21.71 25.58 -19.89
N VAL C 657 -21.84 26.88 -19.60
CA VAL C 657 -21.98 27.89 -20.65
C VAL C 657 -20.72 27.97 -21.50
N LEU C 658 -19.56 27.66 -20.91
CA LEU C 658 -18.30 27.61 -21.62
C LEU C 658 -17.98 26.23 -22.17
N TYR C 659 -18.41 25.18 -21.47
CA TYR C 659 -18.23 23.81 -21.97
C TYR C 659 -18.97 23.61 -23.28
N GLN C 660 -20.18 24.16 -23.38
CA GLN C 660 -20.94 24.05 -24.62
C GLN C 660 -20.23 24.75 -25.77
N SER C 661 -19.67 25.93 -25.50
CA SER C 661 -18.92 26.64 -26.54
C SER C 661 -17.68 25.86 -26.96
N LEU C 662 -16.97 25.27 -26.01
CA LEU C 662 -15.78 24.48 -26.34
C LEU C 662 -16.15 23.25 -27.16
N LYS C 663 -17.21 22.55 -26.78
CA LYS C 663 -17.64 21.38 -27.54
C LYS C 663 -18.10 21.77 -28.94
N ASP C 664 -18.83 22.88 -29.05
CA ASP C 664 -19.25 23.34 -30.37
C ASP C 664 -18.06 23.75 -31.23
N LEU C 665 -16.98 24.22 -30.60
CA LEU C 665 -15.75 24.44 -31.36
C LEU C 665 -15.11 23.12 -31.77
N LEU C 666 -15.25 22.08 -30.94
CA LEU C 666 -14.52 20.84 -31.17
C LEU C 666 -15.00 20.12 -32.43
N GLU C 667 -16.30 19.92 -32.59
CA GLU C 667 -16.82 19.20 -33.74
C GLU C 667 -17.32 20.15 -34.83
N TYR C 668 -16.77 21.35 -34.91
CA TYR C 668 -17.21 22.33 -35.90
C TYR C 668 -16.50 21.99 -37.21
N GLU C 669 -17.27 21.58 -38.21
CA GLU C 669 -16.70 20.94 -39.40
C GLU C 669 -15.96 21.92 -40.30
N GLY C 670 -16.27 23.21 -40.23
CA GLY C 670 -15.57 24.18 -41.03
C GLY C 670 -14.19 24.50 -40.50
N ASN C 671 -13.44 25.27 -41.29
CA ASN C 671 -12.10 25.66 -40.90
C ASN C 671 -12.14 26.68 -39.77
N VAL C 672 -11.60 26.31 -38.61
CA VAL C 672 -11.68 27.19 -37.44
C VAL C 672 -10.65 28.29 -37.46
N GLU C 673 -9.67 28.25 -38.38
CA GLU C 673 -8.62 29.25 -38.40
C GLU C 673 -9.11 30.58 -38.98
N ASP C 674 -10.06 30.55 -39.90
CA ASP C 674 -10.51 31.75 -40.59
C ASP C 674 -11.90 32.21 -40.17
N ASP C 675 -12.49 31.59 -39.14
CA ASP C 675 -13.87 31.89 -38.75
C ASP C 675 -13.96 32.65 -37.44
N MET C 676 -13.29 32.20 -36.39
CA MET C 676 -13.31 32.90 -35.11
C MET C 676 -11.98 33.54 -34.74
N MET C 677 -10.87 33.02 -35.26
CA MET C 677 -9.52 33.57 -35.05
C MET C 677 -9.17 33.68 -33.57
N ILE C 678 -9.59 32.71 -32.78
CA ILE C 678 -9.23 32.70 -31.36
C ILE C 678 -7.77 32.29 -31.21
N THR C 679 -7.03 33.06 -30.44
CA THR C 679 -5.63 32.74 -30.20
C THR C 679 -5.48 31.86 -28.95
N PHE C 680 -4.26 31.38 -28.74
CA PHE C 680 -3.99 30.57 -27.56
C PHE C 680 -4.03 31.39 -26.29
N GLN C 681 -3.71 32.67 -26.38
CA GLN C 681 -3.88 33.58 -25.25
C GLN C 681 -5.36 33.88 -25.07
N ILE C 682 -5.96 33.31 -24.02
CA ILE C 682 -7.40 33.35 -23.87
C ILE C 682 -7.85 34.75 -23.47
N SER C 683 -9.15 34.98 -23.61
CA SER C 683 -9.76 36.29 -23.35
C SER C 683 -10.81 36.14 -22.25
N GLN C 684 -10.38 36.32 -21.01
CA GLN C 684 -11.25 36.27 -19.85
C GLN C 684 -11.20 37.61 -19.12
N THR C 685 -12.34 38.08 -18.64
CA THR C 685 -12.45 39.39 -18.00
C THR C 685 -12.77 39.21 -16.53
N ASP C 686 -12.05 39.94 -15.68
CA ASP C 686 -12.24 39.86 -14.24
C ASP C 686 -13.55 40.52 -13.82
N LEU C 687 -13.97 40.23 -12.58
CA LEU C 687 -15.12 40.92 -11.99
C LEU C 687 -14.83 42.39 -11.76
N PHE C 688 -13.56 42.76 -11.65
CA PHE C 688 -13.16 44.15 -11.47
C PHE C 688 -13.23 44.94 -12.77
N GLY C 689 -13.44 44.28 -13.90
CA GLY C 689 -13.43 44.91 -15.20
C GLY C 689 -12.11 44.82 -15.93
N ASN C 690 -11.02 44.54 -15.20
CA ASN C 690 -9.72 44.42 -15.82
C ASN C 690 -9.61 43.10 -16.60
N PRO C 691 -8.88 43.08 -17.70
CA PRO C 691 -8.59 41.80 -18.36
C PRO C 691 -7.56 41.00 -17.59
N MET C 692 -7.68 39.68 -17.66
CA MET C 692 -6.77 38.74 -17.02
C MET C 692 -6.23 37.75 -18.05
N MET C 693 -5.71 38.28 -19.16
CA MET C 693 -5.21 37.48 -20.28
C MET C 693 -4.12 36.53 -19.84
N TYR C 694 -4.40 35.23 -19.91
CA TYR C 694 -3.47 34.20 -19.47
C TYR C 694 -2.80 33.54 -20.67
N ASP C 695 -1.59 33.06 -20.47
CA ASP C 695 -0.77 32.50 -21.54
C ASP C 695 -0.75 30.99 -21.45
N LEU C 696 -1.11 30.34 -22.56
CA LEU C 696 -1.00 28.89 -22.67
C LEU C 696 0.19 28.45 -23.50
N LYS C 697 0.81 29.35 -24.24
CA LYS C 697 2.01 29.06 -25.00
C LYS C 697 2.88 30.32 -25.04
N GLU C 698 4.16 30.11 -25.38
CA GLU C 698 5.12 31.20 -25.38
C GLU C 698 4.80 32.27 -26.43
N ASN C 699 4.06 31.92 -27.46
CA ASN C 699 3.61 32.85 -28.50
C ASN C 699 2.12 32.69 -28.74
N GLY C 700 1.35 32.67 -27.64
CA GLY C 700 -0.07 32.40 -27.74
C GLY C 700 -0.83 33.47 -28.51
N ASP C 701 -0.47 34.73 -28.32
CA ASP C 701 -1.10 35.83 -29.04
C ASP C 701 -0.57 36.00 -30.46
N LYS C 702 0.44 35.22 -30.85
CA LYS C 702 0.97 35.28 -32.20
C LYS C 702 0.71 34.01 -33.01
N ILE C 703 0.29 32.92 -32.37
CA ILE C 703 0.02 31.66 -33.05
C ILE C 703 -1.49 31.53 -33.23
N PRO C 704 -2.01 31.55 -34.45
CA PRO C 704 -3.44 31.33 -34.65
C PRO C 704 -3.83 29.87 -34.41
N ILE C 705 -5.10 29.67 -34.14
CA ILE C 705 -5.63 28.31 -33.96
C ILE C 705 -5.82 27.66 -35.32
N THR C 706 -5.71 26.33 -35.36
CA THR C 706 -5.91 25.57 -36.59
C THR C 706 -6.90 24.46 -36.33
N ASN C 707 -7.30 23.78 -37.40
CA ASN C 707 -8.24 22.67 -37.29
C ASN C 707 -7.63 21.46 -36.59
N GLU C 708 -6.32 21.40 -36.43
CA GLU C 708 -5.68 20.33 -35.68
C GLU C 708 -5.28 20.74 -34.27
N ASN C 709 -5.01 22.03 -34.05
CA ASN C 709 -4.59 22.53 -32.75
C ASN C 709 -5.73 22.64 -31.75
N ARG C 710 -6.99 22.55 -32.21
CA ARG C 710 -8.12 22.76 -31.31
C ARG C 710 -8.26 21.62 -30.30
N LYS C 711 -7.86 20.40 -30.66
CA LYS C 711 -8.02 19.27 -29.75
C LYS C 711 -7.19 19.42 -28.49
N GLU C 712 -5.95 19.89 -28.63
CA GLU C 712 -5.14 20.19 -27.46
C GLU C 712 -5.41 21.58 -26.90
N PHE C 713 -5.90 22.52 -27.72
CA PHE C 713 -6.27 23.82 -27.19
C PHE C 713 -7.39 23.70 -26.16
N VAL C 714 -8.37 22.84 -26.45
CA VAL C 714 -9.49 22.63 -25.53
C VAL C 714 -8.98 22.04 -24.22
N ASN C 715 -8.04 21.10 -24.28
CA ASN C 715 -7.59 20.42 -23.08
C ASN C 715 -6.47 21.16 -22.34
N LEU C 716 -5.90 22.20 -22.93
CA LEU C 716 -5.13 23.15 -22.12
C LEU C 716 -6.01 24.25 -21.54
N TYR C 717 -7.05 24.66 -22.27
CA TYR C 717 -7.96 25.68 -21.76
C TYR C 717 -8.74 25.16 -20.56
N SER C 718 -9.22 23.92 -20.65
CA SER C 718 -9.88 23.29 -19.51
C SER C 718 -8.93 23.14 -18.34
N ASP C 719 -7.67 22.77 -18.63
CA ASP C 719 -6.67 22.63 -17.59
C ASP C 719 -6.44 23.96 -16.87
N TYR C 720 -6.35 25.05 -17.62
CA TYR C 720 -6.22 26.35 -16.97
C TYR C 720 -7.46 26.70 -16.17
N ILE C 721 -8.65 26.42 -16.72
CA ILE C 721 -9.89 26.86 -16.08
C ILE C 721 -10.08 26.17 -14.73
N LEU C 722 -9.85 24.85 -14.68
CA LEU C 722 -10.14 24.14 -13.44
C LEU C 722 -8.94 23.41 -12.85
N ASN C 723 -7.73 23.68 -13.29
CA ASN C 723 -6.58 23.19 -12.54
C ASN C 723 -5.57 24.29 -12.23
N LYS C 724 -5.37 25.24 -13.13
CA LYS C 724 -4.34 26.25 -12.97
C LYS C 724 -4.87 27.59 -12.48
N SER C 725 -6.12 27.92 -12.75
CA SER C 725 -6.69 29.16 -12.22
C SER C 725 -6.85 29.10 -10.70
N VAL C 726 -7.08 27.90 -10.16
CA VAL C 726 -7.41 27.73 -8.76
C VAL C 726 -6.36 26.88 -8.06
N GLU C 727 -5.12 26.98 -8.54
CA GLU C 727 -4.07 26.05 -8.09
C GLU C 727 -3.71 26.27 -6.62
N LYS C 728 -3.46 27.53 -6.23
CA LYS C 728 -3.15 27.81 -4.82
C LYS C 728 -4.36 27.53 -3.93
N GLN C 729 -5.54 27.95 -4.38
CA GLN C 729 -6.75 27.76 -3.60
C GLN C 729 -7.07 26.29 -3.41
N PHE C 730 -6.98 25.50 -4.49
CA PHE C 730 -7.26 24.08 -4.30
C PHE C 730 -6.12 23.34 -3.61
N LYS C 731 -4.87 23.81 -3.76
CA LYS C 731 -3.79 23.20 -2.99
C LYS C 731 -4.03 23.34 -1.50
N ALA C 732 -4.42 24.54 -1.08
CA ALA C 732 -4.78 24.76 0.33
C ALA C 732 -6.01 23.96 0.72
N PHE C 733 -7.02 23.93 -0.15
CA PHE C 733 -8.26 23.20 0.11
C PHE C 733 -7.98 21.72 0.32
N ARG C 734 -7.20 21.13 -0.56
CA ARG C 734 -6.91 19.70 -0.49
C ARG C 734 -5.98 19.37 0.66
N ARG C 735 -5.04 20.25 1.00
CA ARG C 735 -4.24 20.03 2.19
C ARG C 735 -5.09 20.03 3.45
N GLY C 736 -6.02 20.98 3.54
CA GLY C 736 -6.93 21.01 4.67
C GLY C 736 -7.81 19.78 4.75
N PHE C 737 -8.31 19.32 3.60
CA PHE C 737 -9.11 18.09 3.58
C PHE C 737 -8.29 16.88 3.97
N HIS C 738 -7.05 16.79 3.50
CA HIS C 738 -6.24 15.60 3.72
C HIS C 738 -5.77 15.50 5.16
N MET C 739 -5.46 16.63 5.80
CA MET C 739 -4.85 16.55 7.12
C MET C 739 -5.79 16.03 8.20
N VAL C 740 -7.09 15.88 7.91
CA VAL C 740 -8.02 15.26 8.85
C VAL C 740 -8.32 13.82 8.45
N THR C 741 -8.36 13.53 7.15
CA THR C 741 -8.72 12.21 6.66
C THR C 741 -7.57 11.55 5.90
N ASN C 742 -6.35 11.66 6.43
CA ASN C 742 -5.21 11.01 5.79
C ASN C 742 -5.03 9.57 6.25
N GLU C 743 -5.49 9.24 7.46
CA GLU C 743 -5.38 7.89 7.99
C GLU C 743 -6.67 7.10 7.80
N SER C 744 -7.58 7.58 6.97
CA SER C 744 -8.91 7.03 6.79
C SER C 744 -8.98 6.14 5.56
N PRO C 745 -9.86 5.12 5.57
CA PRO C 745 -10.04 4.27 4.40
C PRO C 745 -10.97 4.89 3.35
N LEU C 746 -11.19 6.20 3.43
CA LEU C 746 -12.10 6.88 2.51
C LEU C 746 -11.65 6.78 1.06
N LYS C 747 -10.34 6.79 0.81
CA LYS C 747 -9.88 6.58 -0.56
C LYS C 747 -10.03 5.13 -1.00
N TYR C 748 -10.14 4.21 -0.05
CA TYR C 748 -10.25 2.78 -0.30
C TYR C 748 -11.70 2.31 -0.38
N LEU C 749 -12.57 2.83 0.49
CA LEU C 749 -13.97 2.42 0.48
C LEU C 749 -14.81 3.24 -0.50
N PHE C 750 -14.59 4.54 -0.56
CA PHE C 750 -15.52 5.47 -1.20
C PHE C 750 -14.97 5.94 -2.54
N ARG C 751 -15.74 5.71 -3.59
CA ARG C 751 -15.46 6.27 -4.89
C ARG C 751 -15.74 7.78 -4.86
N PRO C 752 -15.08 8.56 -5.73
CA PRO C 752 -15.38 10.00 -5.77
C PRO C 752 -16.84 10.33 -6.06
N GLU C 753 -17.53 9.51 -6.85
CA GLU C 753 -18.93 9.78 -7.17
C GLU C 753 -19.85 9.60 -5.97
N GLU C 754 -19.42 8.86 -4.94
CA GLU C 754 -20.22 8.61 -3.76
C GLU C 754 -19.62 9.25 -2.51
N ILE C 755 -18.93 10.38 -2.70
CA ILE C 755 -18.49 11.20 -1.59
C ILE C 755 -19.31 12.48 -1.46
N GLU C 756 -19.83 13.02 -2.56
CA GLU C 756 -20.83 14.07 -2.47
C GLU C 756 -22.04 13.62 -1.66
N LEU C 757 -22.34 12.32 -1.67
CA LEU C 757 -23.39 11.79 -0.83
C LEU C 757 -22.97 11.74 0.64
N LEU C 758 -21.66 11.67 0.91
CA LEU C 758 -21.20 11.59 2.28
C LEU C 758 -21.27 12.93 2.99
N ILE C 759 -20.99 14.03 2.30
CA ILE C 759 -21.01 15.35 2.92
C ILE C 759 -22.39 15.97 2.76
N CYS C 760 -22.83 16.13 1.52
CA CYS C 760 -24.10 16.82 1.27
C CYS C 760 -25.30 15.98 1.70
N GLY C 761 -25.11 14.68 1.93
CA GLY C 761 -26.19 13.84 2.39
C GLY C 761 -26.74 12.92 1.32
#